data_1Q3H
#
_entry.id   1Q3H
#
_cell.length_a   171.68
_cell.length_b   171.68
_cell.length_c   109.59
_cell.angle_alpha   90
_cell.angle_beta   90
_cell.angle_gamma   90
#
_symmetry.space_group_name_H-M   'P 4 21 2'
#
loop_
_entity.id
_entity.type
_entity.pdbx_description
1 polymer 'Cystic fibrosis transmembrane conductance regulator'
2 non-polymer 'MAGNESIUM ION'
3 non-polymer 'PHOSPHOAMINOPHOSPHONIC ACID-ADENYLATE ESTER'
4 non-polymer 'ACETIC ACID'
5 water water
#
_entity_poly.entity_id   1
_entity_poly.type   'polypeptide(L)'
_entity_poly.pdbx_seq_one_letter_code
;STTGIIMENVTAFWEEGFGELLEKVQQSNGDRKHSSDENNVSFSHLCLVGNPVLKNINLNIEKGEMLAITGSTGSGKTSL
LMLILGELEASEGIIKHSGRVSFCSQFSWIMPGTIKENIIFGVSYDEYRYKSVVKACQLQQDITKFAEQDNTVLGEGGVT
LSGGQRARISLARAVYKDADLYLLDSPFGYLDVFTEEQVFESCVCKLMANKTRILVTSKMEHLRKADKILILHQGSSYFY
GTFSELQSLRPDFSSKLMGYDTFDQFTEERRSSILTETLRRFSVDD
;
_entity_poly.pdbx_strand_id   A,B,C,D
#
# COMPACT_ATOMS: atom_id res chain seq x y z
N THR A 3 30.84 4.92 0.13
CA THR A 3 31.65 5.50 1.26
C THR A 3 32.94 4.71 1.48
N GLY A 4 33.91 5.34 2.15
CA GLY A 4 35.06 4.60 2.64
C GLY A 4 34.83 4.15 4.08
N ILE A 5 35.77 3.39 4.65
CA ILE A 5 35.70 3.13 6.07
C ILE A 5 37.07 3.18 6.75
N ILE A 6 37.11 3.84 7.91
CA ILE A 6 38.33 3.96 8.67
C ILE A 6 38.11 3.54 10.11
N MET A 7 39.05 2.76 10.63
CA MET A 7 39.14 2.50 12.06
C MET A 7 40.53 2.91 12.52
N GLU A 8 40.59 3.81 13.50
CA GLU A 8 41.87 4.19 14.09
C GLU A 8 41.96 3.72 15.53
N ASN A 9 42.82 2.74 15.74
CA ASN A 9 43.16 2.28 17.08
C ASN A 9 41.91 1.90 17.88
N VAL A 10 41.02 1.15 17.25
CA VAL A 10 39.77 0.76 17.89
C VAL A 10 39.94 -0.44 18.81
N THR A 11 39.37 -0.34 20.00
CA THR A 11 39.27 -1.45 20.93
C THR A 11 37.81 -1.57 21.36
N ALA A 12 37.31 -2.80 21.40
CA ALA A 12 35.92 -3.06 21.76
C ALA A 12 35.81 -4.13 22.83
N PHE A 13 35.12 -3.82 23.91
CA PHE A 13 35.01 -4.75 25.03
C PHE A 13 33.75 -5.58 24.96
N TRP A 14 33.84 -6.79 25.51
CA TRP A 14 32.68 -7.63 25.74
C TRP A 14 31.69 -6.87 26.60
N GLU A 15 30.45 -6.76 26.10
CA GLU A 15 29.38 -6.13 26.86
C GLU A 15 28.20 -7.09 26.95
N GLU A 16 27.40 -6.94 27.99
CA GLU A 16 26.32 -7.88 28.26
C GLU A 16 25.37 -7.97 27.07
N GLY A 17 25.12 -9.19 26.61
CA GLY A 17 24.17 -9.40 25.54
C GLY A 17 24.79 -9.59 24.17
N PHE A 18 26.04 -9.16 24.01
CA PHE A 18 26.70 -9.30 22.71
C PHE A 18 26.89 -10.76 22.37
N GLY A 19 27.18 -11.56 23.39
CA GLY A 19 27.41 -12.98 23.17
C GLY A 19 26.19 -13.69 22.61
N GLU A 20 25.01 -13.35 23.12
CA GLU A 20 23.78 -13.95 22.62
C GLU A 20 23.53 -13.52 21.18
N LEU A 21 23.80 -12.27 20.87
CA LEU A 21 23.61 -11.75 19.51
C LEU A 21 24.50 -12.52 18.53
N LEU A 22 25.75 -12.77 18.92
CA LEU A 22 26.65 -13.62 18.13
C LEU A 22 26.07 -15.02 18.01
N GLU A 23 25.43 -15.47 19.09
CA GLU A 23 24.82 -16.80 19.11
C GLU A 23 23.60 -16.85 18.21
N LYS A 24 22.73 -15.85 18.34
CA LYS A 24 21.52 -15.76 17.53
C LYS A 24 21.82 -15.68 16.04
N VAL A 25 23.06 -15.39 15.67
CA VAL A 25 23.54 -15.62 14.30
C VAL A 25 23.83 -17.11 14.07
N SER A 42 31.46 -18.97 28.71
CA SER A 42 30.51 -18.10 29.47
C SER A 42 30.75 -16.61 29.15
N PHE A 43 29.75 -15.96 28.57
CA PHE A 43 29.89 -14.56 28.14
C PHE A 43 29.89 -13.60 29.31
N SER A 44 29.19 -13.96 30.39
CA SER A 44 29.12 -13.08 31.53
C SER A 44 30.48 -12.95 32.19
N HIS A 45 31.27 -14.02 32.13
CA HIS A 45 32.64 -13.99 32.65
C HIS A 45 33.53 -13.04 31.84
N LEU A 46 33.36 -13.07 30.52
CA LEU A 46 34.11 -12.21 29.64
C LEU A 46 33.77 -10.74 29.90
N CYS A 47 32.53 -10.48 30.29
CA CYS A 47 32.07 -9.12 30.60
C CYS A 47 32.53 -8.66 31.97
N LEU A 48 32.51 -9.56 32.94
CA LEU A 48 32.91 -9.22 34.31
C LEU A 48 34.41 -8.91 34.38
N VAL A 49 35.21 -9.68 33.65
CA VAL A 49 36.65 -9.49 33.66
C VAL A 49 37.06 -8.35 32.70
N GLY A 50 36.10 -7.72 32.05
CA GLY A 50 36.36 -6.53 31.26
C GLY A 50 37.32 -6.76 30.10
N ASN A 51 37.09 -7.84 29.34
CA ASN A 51 38.03 -8.26 28.31
C ASN A 51 37.64 -7.81 26.90
N PRO A 52 38.63 -7.38 26.10
CA PRO A 52 38.38 -6.97 24.72
C PRO A 52 38.00 -8.16 23.84
N VAL A 53 37.12 -7.90 22.88
CA VAL A 53 36.87 -8.85 21.80
C VAL A 53 37.79 -8.47 20.64
N LEU A 54 38.02 -7.18 20.46
CA LEU A 54 38.98 -6.69 19.46
C LEU A 54 39.82 -5.58 20.06
N LYS A 55 41.13 -5.63 19.80
CA LYS A 55 42.06 -4.70 20.43
C LYS A 55 42.97 -4.06 19.39
N ASN A 56 43.09 -2.75 19.45
CA ASN A 56 44.02 -2.01 18.58
C ASN A 56 43.84 -2.36 17.11
N ILE A 57 42.60 -2.38 16.63
CA ILE A 57 42.34 -2.61 15.20
C ILE A 57 42.52 -1.31 14.42
N ASN A 58 43.28 -1.39 13.34
CA ASN A 58 43.45 -0.26 12.44
C ASN A 58 43.18 -0.69 11.02
N LEU A 59 42.38 0.11 10.31
CA LEU A 59 42.21 -0.08 8.88
C LEU A 59 41.74 1.20 8.19
N ASN A 60 42.07 1.34 6.92
CA ASN A 60 41.69 2.52 6.14
C ASN A 60 41.34 2.10 4.71
N ILE A 61 40.05 2.01 4.43
CA ILE A 61 39.59 1.44 3.16
C ILE A 61 38.95 2.54 2.32
N GLU A 62 39.42 2.68 1.08
CA GLU A 62 38.91 3.68 0.15
C GLU A 62 37.56 3.29 -0.40
N LYS A 63 36.75 4.28 -0.76
CA LYS A 63 35.55 4.02 -1.54
C LYS A 63 35.90 3.07 -2.69
N GLY A 64 35.08 2.03 -2.86
CA GLY A 64 35.27 1.11 -3.97
C GLY A 64 36.26 -0.01 -3.73
N GLU A 65 36.98 0.03 -2.62
CA GLU A 65 37.97 -1.01 -2.33
C GLU A 65 37.38 -2.23 -1.66
N MET A 66 38.09 -3.35 -1.75
CA MET A 66 37.67 -4.59 -1.11
C MET A 66 38.66 -4.90 0.01
N LEU A 67 38.13 -5.04 1.22
CA LEU A 67 38.93 -5.54 2.35
C LEU A 67 38.65 -7.04 2.50
N ALA A 68 39.71 -7.83 2.43
CA ALA A 68 39.60 -9.25 2.78
C ALA A 68 40.03 -9.45 4.22
N ILE A 69 39.13 -10.05 4.99
CA ILE A 69 39.37 -10.37 6.40
C ILE A 69 39.49 -11.87 6.57
N THR A 70 40.60 -12.31 7.16
CA THR A 70 40.77 -13.70 7.48
C THR A 70 41.38 -13.78 8.87
N GLY A 71 41.68 -14.99 9.32
CA GLY A 71 42.22 -15.15 10.65
C GLY A 71 42.06 -16.59 11.08
N SER A 72 42.40 -16.87 12.33
CA SER A 72 42.13 -18.19 12.91
C SER A 72 40.65 -18.23 13.28
N THR A 73 40.12 -19.43 13.52
CA THR A 73 38.72 -19.53 13.87
C THR A 73 38.54 -18.91 15.25
N GLY A 74 37.45 -18.15 15.43
CA GLY A 74 37.19 -17.51 16.69
C GLY A 74 38.10 -16.33 16.98
N SER A 75 38.64 -15.71 15.93
CA SER A 75 39.58 -14.61 16.09
C SER A 75 38.92 -13.23 16.20
N GLY A 76 37.64 -13.13 15.87
CA GLY A 76 36.95 -11.86 15.97
C GLY A 76 36.48 -11.30 14.64
N LYS A 77 36.54 -12.14 13.61
CA LYS A 77 36.15 -11.70 12.27
C LYS A 77 34.70 -11.22 12.22
N THR A 78 33.76 -12.04 12.70
CA THR A 78 32.35 -11.64 12.72
C THR A 78 32.15 -10.42 13.62
N SER A 79 32.88 -10.37 14.74
CA SER A 79 32.71 -9.31 15.72
C SER A 79 33.06 -7.97 15.13
N LEU A 80 34.07 -7.95 14.24
CA LEU A 80 34.48 -6.70 13.60
C LEU A 80 33.35 -6.17 12.73
N LEU A 81 32.65 -7.08 12.07
CA LEU A 81 31.47 -6.71 11.28
C LEU A 81 30.39 -6.12 12.18
N MET A 82 30.13 -6.77 13.31
CA MET A 82 29.13 -6.28 14.26
C MET A 82 29.48 -4.86 14.68
N LEU A 83 30.78 -4.60 14.81
CA LEU A 83 31.28 -3.28 15.18
C LEU A 83 30.85 -2.24 14.13
N ILE A 84 31.04 -2.58 12.87
CA ILE A 84 30.60 -1.73 11.76
C ILE A 84 29.08 -1.57 11.76
N LEU A 85 28.36 -2.62 12.13
CA LEU A 85 26.91 -2.57 12.16
C LEU A 85 26.40 -1.80 13.37
N GLY A 86 27.26 -1.61 14.36
CA GLY A 86 26.87 -0.83 15.52
C GLY A 86 26.26 -1.67 16.63
N GLU A 87 26.32 -2.98 16.47
CA GLU A 87 25.85 -3.90 17.51
C GLU A 87 26.90 -4.08 18.59
N LEU A 88 28.13 -3.71 18.27
CA LEU A 88 29.22 -3.71 19.23
C LEU A 88 29.81 -2.31 19.32
N GLU A 89 30.02 -1.84 20.54
CA GLU A 89 30.46 -0.47 20.79
C GLU A 89 31.97 -0.36 20.78
N ALA A 90 32.49 0.72 20.20
CA ALA A 90 33.93 0.94 20.15
C ALA A 90 34.38 1.68 21.40
N SER A 91 34.87 0.94 22.38
CA SER A 91 35.13 1.49 23.71
C SER A 91 36.33 2.44 23.70
N GLU A 92 37.24 2.22 22.75
CA GLU A 92 38.33 3.14 22.49
C GLU A 92 38.51 3.29 20.99
N GLY A 93 39.10 4.40 20.58
CA GLY A 93 39.45 4.56 19.18
C GLY A 93 38.33 5.16 18.35
N ILE A 94 38.58 5.28 17.05
CA ILE A 94 37.71 6.01 16.15
C ILE A 94 37.31 5.15 14.96
N ILE A 95 36.02 5.09 14.67
CA ILE A 95 35.54 4.47 13.45
C ILE A 95 34.68 5.42 12.60
N LYS A 96 35.03 5.54 11.33
CA LYS A 96 34.28 6.39 10.39
C LYS A 96 33.80 5.60 9.18
N HIS A 97 32.49 5.61 8.97
CA HIS A 97 31.90 5.28 7.68
C HIS A 97 30.51 5.91 7.65
N SER A 98 30.01 6.17 6.45
CA SER A 98 28.71 6.81 6.29
C SER A 98 27.86 5.98 5.36
N GLY A 99 26.54 6.19 5.42
CA GLY A 99 25.65 5.56 4.46
C GLY A 99 25.05 4.23 4.90
N ARG A 100 24.20 3.69 4.05
CA ARG A 100 23.62 2.38 4.30
C ARG A 100 24.69 1.30 4.21
N VAL A 101 24.66 0.36 5.15
CA VAL A 101 25.49 -0.82 5.01
C VAL A 101 24.60 -2.04 4.82
N SER A 102 25.07 -2.96 3.98
CA SER A 102 24.35 -4.20 3.72
C SER A 102 25.17 -5.36 4.25
N PHE A 103 24.52 -6.24 5.00
CA PHE A 103 25.17 -7.31 5.74
C PHE A 103 24.67 -8.64 5.23
N CYS A 104 25.60 -9.50 4.81
CA CYS A 104 25.30 -10.89 4.50
C CYS A 104 25.99 -11.74 5.56
N SER A 105 25.18 -12.31 6.45
CA SER A 105 25.67 -13.11 7.56
C SER A 105 26.14 -14.51 7.15
N GLN A 106 26.96 -15.11 8.01
CA GLN A 106 27.29 -16.53 7.90
C GLN A 106 26.05 -17.40 7.83
N PHE A 107 25.07 -17.14 8.69
CA PHE A 107 23.82 -17.88 8.63
C PHE A 107 23.00 -17.38 7.44
N SER A 108 22.57 -18.31 6.59
CA SER A 108 21.78 -17.94 5.42
C SER A 108 20.30 -18.04 5.74
N TRP A 109 19.67 -16.91 6.02
CA TRP A 109 18.27 -16.95 6.35
C TRP A 109 17.36 -16.83 5.12
N ILE A 110 16.26 -17.59 5.16
CA ILE A 110 15.32 -17.72 4.06
C ILE A 110 13.94 -17.44 4.62
N MET A 111 13.20 -16.52 3.99
CA MET A 111 11.85 -16.22 4.46
C MET A 111 10.83 -16.95 3.59
N PRO A 112 9.65 -17.23 4.16
CA PRO A 112 8.58 -17.79 3.33
C PRO A 112 8.35 -16.92 2.10
N GLY A 113 8.17 -17.57 0.95
CA GLY A 113 8.02 -16.86 -0.30
C GLY A 113 8.90 -17.47 -1.38
N THR A 114 8.79 -16.94 -2.60
CA THR A 114 9.55 -17.48 -3.73
C THR A 114 11.02 -17.10 -3.60
N ILE A 115 11.84 -17.70 -4.45
CA ILE A 115 13.25 -17.36 -4.52
C ILE A 115 13.41 -15.88 -4.86
N LYS A 116 12.66 -15.43 -5.86
CA LYS A 116 12.67 -14.01 -6.23
C LYS A 116 12.30 -13.11 -5.05
N GLU A 117 11.20 -13.43 -4.38
CA GLU A 117 10.72 -12.67 -3.22
C GLU A 117 11.76 -12.62 -2.11
N ASN A 118 12.55 -13.68 -2.00
CA ASN A 118 13.63 -13.70 -1.03
C ASN A 118 14.79 -12.78 -1.39
N ILE A 119 15.13 -12.71 -2.67
CA ILE A 119 16.24 -11.87 -3.14
C ILE A 119 15.86 -10.39 -3.04
N ILE A 120 14.58 -10.13 -3.22
CA ILE A 120 14.09 -8.77 -3.34
C ILE A 120 13.46 -8.29 -2.02
N PHE A 121 13.63 -9.08 -0.97
CA PHE A 121 12.86 -8.95 0.28
C PHE A 121 12.88 -7.54 0.88
N GLY A 122 11.71 -6.91 0.91
CA GLY A 122 11.56 -5.62 1.57
C GLY A 122 12.08 -4.45 0.75
N VAL A 123 12.39 -4.71 -0.52
CA VAL A 123 12.94 -3.71 -1.42
C VAL A 123 12.14 -3.82 -2.71
N SER A 124 12.16 -2.77 -3.52
CA SER A 124 11.31 -2.77 -4.71
C SER A 124 11.99 -3.43 -5.90
N TYR A 125 11.19 -4.15 -6.69
CA TYR A 125 11.69 -4.86 -7.85
C TYR A 125 12.14 -3.91 -8.96
N ASP A 126 13.33 -4.17 -9.49
CA ASP A 126 13.81 -3.50 -10.70
C ASP A 126 14.48 -4.53 -11.60
N GLU A 127 13.96 -4.68 -12.81
CA GLU A 127 14.33 -5.80 -13.67
C GLU A 127 15.82 -5.85 -13.99
N TYR A 128 16.39 -4.74 -14.45
CA TYR A 128 17.80 -4.77 -14.83
C TYR A 128 18.62 -5.15 -13.62
N ARG A 129 18.29 -4.59 -12.47
CA ARG A 129 19.09 -4.79 -11.26
C ARG A 129 18.99 -6.25 -10.81
N TYR A 130 17.78 -6.79 -10.86
CA TYR A 130 17.52 -8.14 -10.41
C TYR A 130 18.23 -9.16 -11.28
N LYS A 131 17.98 -9.10 -12.57
CA LYS A 131 18.54 -10.06 -13.49
C LYS A 131 20.07 -10.03 -13.44
N SER A 132 20.61 -8.84 -13.22
CA SER A 132 22.04 -8.68 -13.14
C SER A 132 22.59 -9.32 -11.85
N VAL A 133 21.93 -9.07 -10.73
CA VAL A 133 22.32 -9.71 -9.48
C VAL A 133 22.18 -11.25 -9.55
N VAL A 134 21.05 -11.73 -10.05
CA VAL A 134 20.82 -13.15 -10.19
C VAL A 134 21.91 -13.83 -11.02
N LYS A 135 22.34 -13.20 -12.10
CA LYS A 135 23.35 -13.79 -12.96
C LYS A 135 24.72 -13.83 -12.30
N ALA A 136 25.12 -12.72 -11.70
CA ALA A 136 26.44 -12.63 -11.07
C ALA A 136 26.58 -13.52 -9.83
N CYS A 137 25.47 -13.81 -9.15
CA CYS A 137 25.53 -14.68 -7.99
C CYS A 137 25.38 -16.15 -8.43
N GLN A 138 25.41 -16.35 -9.74
CA GLN A 138 25.40 -17.69 -10.35
C GLN A 138 24.16 -18.47 -10.00
N LEU A 139 23.04 -17.77 -9.89
CA LEU A 139 21.80 -18.43 -9.49
C LEU A 139 21.05 -19.03 -10.65
N GLN A 140 21.44 -18.66 -11.87
CA GLN A 140 20.77 -19.17 -13.06
C GLN A 140 20.91 -20.70 -13.16
N GLN A 141 22.12 -21.19 -12.88
CA GLN A 141 22.36 -22.63 -12.83
C GLN A 141 21.43 -23.33 -11.84
N ASP A 142 21.04 -22.63 -10.77
CA ASP A 142 20.16 -23.24 -9.78
C ASP A 142 18.69 -23.21 -10.21
N ILE A 143 18.18 -22.02 -10.56
CA ILE A 143 16.74 -21.90 -10.74
C ILE A 143 16.28 -22.60 -12.01
N THR A 144 17.23 -22.89 -12.90
CA THR A 144 16.88 -23.54 -14.15
C THR A 144 16.54 -25.01 -13.91
N LYS A 145 16.96 -25.53 -12.76
CA LYS A 145 16.62 -26.90 -12.37
C LYS A 145 15.20 -27.02 -11.87
N PHE A 146 14.51 -25.89 -11.72
CA PHE A 146 13.19 -25.91 -11.09
C PHE A 146 12.08 -25.63 -12.11
N ALA A 147 10.94 -26.30 -11.95
CA ALA A 147 9.84 -26.10 -12.87
C ALA A 147 9.46 -24.62 -12.97
N GLU A 148 9.30 -23.97 -11.83
CA GLU A 148 8.92 -22.55 -11.79
C GLU A 148 10.10 -21.61 -11.59
N GLN A 149 11.32 -22.12 -11.79
CA GLN A 149 12.51 -21.28 -11.72
C GLN A 149 12.49 -20.39 -10.47
N ASP A 150 12.81 -19.10 -10.61
CA ASP A 150 12.81 -18.22 -9.44
C ASP A 150 11.44 -17.86 -8.86
N ASN A 151 10.38 -18.47 -9.39
CA ASN A 151 9.07 -18.31 -8.77
C ASN A 151 8.78 -19.51 -7.86
N THR A 152 9.78 -20.39 -7.77
CA THR A 152 9.71 -21.52 -6.87
C THR A 152 9.56 -21.07 -5.42
N VAL A 153 8.57 -21.68 -4.75
CA VAL A 153 8.27 -21.39 -3.36
C VAL A 153 9.15 -22.15 -2.36
N LEU A 154 9.74 -21.42 -1.42
CA LEU A 154 10.55 -21.98 -0.35
C LEU A 154 9.84 -21.82 1.00
N GLY A 155 9.96 -22.82 1.86
CA GLY A 155 9.66 -22.61 3.27
C GLY A 155 10.86 -22.07 4.05
N GLU A 156 10.59 -21.27 5.09
CA GLU A 156 11.66 -20.67 5.89
C GLU A 156 12.77 -21.68 6.15
N GLY A 157 14.01 -21.19 6.22
CA GLY A 157 15.16 -22.07 6.27
C GLY A 157 15.49 -22.68 4.91
N GLY A 158 14.55 -22.62 3.95
CA GLY A 158 14.78 -23.21 2.63
C GLY A 158 15.50 -24.55 2.75
N VAL A 159 14.92 -25.43 3.56
CA VAL A 159 15.63 -26.54 4.14
C VAL A 159 16.06 -27.64 3.17
N THR A 160 15.40 -27.78 2.03
CA THR A 160 15.75 -28.82 1.06
C THR A 160 16.76 -28.37 0.01
N LEU A 161 17.08 -27.09 0.01
CA LEU A 161 18.17 -26.53 -0.79
C LEU A 161 19.53 -27.01 -0.24
N SER A 162 20.59 -26.87 -1.04
CA SER A 162 21.95 -27.07 -0.53
C SER A 162 22.45 -25.83 0.21
N GLY A 163 23.51 -26.01 1.00
CA GLY A 163 24.08 -24.88 1.71
C GLY A 163 24.55 -23.78 0.77
N GLY A 164 25.02 -24.18 -0.41
CA GLY A 164 25.53 -23.21 -1.37
C GLY A 164 24.40 -22.44 -2.05
N GLN A 165 23.32 -23.16 -2.36
CA GLN A 165 22.11 -22.53 -2.88
C GLN A 165 21.51 -21.50 -1.91
N ARG A 166 21.44 -21.84 -0.62
CA ARG A 166 20.93 -20.89 0.37
C ARG A 166 21.85 -19.69 0.51
N ALA A 167 23.15 -19.93 0.46
CA ALA A 167 24.12 -18.84 0.60
C ALA A 167 24.11 -17.92 -0.62
N ARG A 168 23.86 -18.46 -1.81
CA ARG A 168 23.82 -17.62 -3.01
C ARG A 168 22.55 -16.75 -3.03
N ILE A 169 21.43 -17.32 -2.61
CA ILE A 169 20.22 -16.53 -2.45
C ILE A 169 20.47 -15.42 -1.40
N SER A 170 20.99 -15.82 -0.25
CA SER A 170 21.29 -14.89 0.81
C SER A 170 22.28 -13.80 0.38
N LEU A 171 23.31 -14.20 -0.38
CA LEU A 171 24.23 -13.23 -0.97
C LEU A 171 23.52 -12.29 -1.97
N ALA A 172 22.69 -12.85 -2.85
CA ALA A 172 22.01 -12.04 -3.85
C ALA A 172 21.13 -10.99 -3.18
N ARG A 173 20.46 -11.37 -2.09
CA ARG A 173 19.61 -10.47 -1.35
C ARG A 173 20.41 -9.30 -0.80
N ALA A 174 21.58 -9.58 -0.25
CA ALA A 174 22.39 -8.52 0.35
C ALA A 174 23.02 -7.62 -0.72
N VAL A 175 23.42 -8.22 -1.83
CA VAL A 175 24.06 -7.50 -2.94
C VAL A 175 23.04 -6.61 -3.65
N TYR A 176 21.80 -7.11 -3.78
CA TYR A 176 20.70 -6.38 -4.41
C TYR A 176 20.26 -5.16 -3.59
N LYS A 177 20.54 -5.17 -2.29
CA LYS A 177 20.35 -3.99 -1.44
C LYS A 177 21.25 -2.89 -1.98
N ASP A 178 20.69 -1.69 -2.12
CA ASP A 178 21.49 -0.53 -2.49
C ASP A 178 22.13 0.11 -1.26
N ALA A 179 23.46 0.01 -1.18
CA ALA A 179 24.16 0.43 0.02
C ALA A 179 25.53 0.98 -0.34
N ASP A 180 26.15 1.68 0.60
CA ASP A 180 27.47 2.23 0.36
C ASP A 180 28.57 1.24 0.72
N LEU A 181 28.26 0.29 1.60
CA LEU A 181 29.23 -0.66 2.14
C LEU A 181 28.61 -2.04 2.29
N TYR A 182 29.32 -3.08 1.83
CA TYR A 182 28.80 -4.44 1.90
C TYR A 182 29.68 -5.31 2.76
N LEU A 183 29.07 -5.92 3.77
CA LEU A 183 29.75 -6.82 4.69
C LEU A 183 29.31 -8.24 4.36
N LEU A 184 30.24 -9.03 3.84
CA LEU A 184 29.95 -10.40 3.43
C LEU A 184 30.66 -11.39 4.34
N ASP A 185 29.94 -11.99 5.28
CA ASP A 185 30.60 -12.88 6.24
C ASP A 185 30.63 -14.34 5.78
N SER A 186 31.76 -14.73 5.21
CA SER A 186 32.02 -16.12 4.86
C SER A 186 30.98 -16.79 3.97
N PRO A 187 30.59 -16.14 2.85
CA PRO A 187 29.69 -16.81 1.90
C PRO A 187 30.28 -18.07 1.27
N PHE A 188 31.59 -18.11 1.12
CA PHE A 188 32.23 -19.14 0.29
C PHE A 188 32.82 -20.28 1.13
N GLY A 189 31.94 -21.08 1.73
CA GLY A 189 32.40 -22.08 2.66
C GLY A 189 31.89 -23.48 2.41
N TYR A 190 31.34 -23.75 1.23
CA TYR A 190 30.68 -25.03 0.99
C TYR A 190 31.42 -25.92 -0.01
N LEU A 191 30.87 -27.10 -0.26
CA LEU A 191 31.53 -28.09 -1.09
C LEU A 191 31.56 -27.74 -2.58
N ASP A 192 30.51 -27.08 -3.09
CA ASP A 192 30.47 -26.78 -4.52
C ASP A 192 31.46 -25.67 -4.88
N VAL A 193 32.73 -26.03 -4.87
CA VAL A 193 33.81 -25.08 -4.73
C VAL A 193 34.16 -24.35 -6.04
N PHE A 194 33.77 -24.93 -7.18
CA PHE A 194 34.00 -24.27 -8.45
C PHE A 194 32.94 -23.20 -8.71
N THR A 195 31.70 -23.48 -8.35
CA THR A 195 30.65 -22.47 -8.37
C THR A 195 31.04 -21.26 -7.51
N GLU A 196 31.58 -21.51 -6.33
CA GLU A 196 32.06 -20.45 -5.44
C GLU A 196 33.12 -19.57 -6.09
N GLU A 197 34.01 -20.18 -6.87
CA GLU A 197 35.05 -19.45 -7.55
C GLU A 197 34.44 -18.53 -8.59
N GLN A 198 33.43 -19.01 -9.31
CA GLN A 198 32.71 -18.18 -10.27
C GLN A 198 31.99 -17.02 -9.59
N VAL A 199 31.41 -17.27 -8.42
CA VAL A 199 30.64 -16.25 -7.73
C VAL A 199 31.56 -15.13 -7.26
N PHE A 200 32.73 -15.51 -6.74
CA PHE A 200 33.68 -14.53 -6.26
C PHE A 200 34.17 -13.65 -7.42
N GLU A 201 34.39 -14.30 -8.56
CA GLU A 201 34.86 -13.61 -9.76
C GLU A 201 33.76 -12.68 -10.32
N SER A 202 32.55 -13.23 -10.47
CA SER A 202 31.44 -12.51 -11.10
C SER A 202 30.76 -11.48 -10.22
N CYS A 203 30.54 -11.81 -8.95
CA CYS A 203 29.81 -10.93 -8.08
C CYS A 203 30.73 -9.94 -7.35
N VAL A 204 31.70 -10.47 -6.60
CA VAL A 204 32.52 -9.67 -5.72
C VAL A 204 33.52 -8.84 -6.49
N CYS A 205 34.14 -9.45 -7.50
CA CYS A 205 35.16 -8.79 -8.30
C CYS A 205 34.65 -7.95 -9.48
N LYS A 206 33.59 -8.41 -10.16
CA LYS A 206 33.07 -7.66 -11.30
C LYS A 206 31.89 -6.76 -10.95
N LEU A 207 30.74 -7.36 -10.69
CA LEU A 207 29.53 -6.60 -10.36
C LEU A 207 29.74 -5.55 -9.26
N MET A 208 30.48 -5.91 -8.22
CA MET A 208 30.65 -5.01 -7.07
C MET A 208 32.02 -4.32 -7.11
N ALA A 209 32.66 -4.34 -8.28
CA ALA A 209 34.02 -3.83 -8.42
C ALA A 209 34.20 -2.43 -7.83
N ASN A 210 33.14 -1.62 -7.87
CA ASN A 210 33.25 -0.24 -7.40
C ASN A 210 32.44 0.02 -6.14
N LYS A 211 31.91 -1.02 -5.52
CA LYS A 211 31.28 -0.90 -4.21
C LYS A 211 32.29 -1.19 -3.13
N THR A 212 32.30 -0.39 -2.08
CA THR A 212 33.17 -0.68 -0.95
C THR A 212 32.64 -1.93 -0.27
N ARG A 213 33.51 -2.91 -0.08
CA ARG A 213 33.07 -4.19 0.40
C ARG A 213 34.09 -4.87 1.32
N ILE A 214 33.57 -5.57 2.32
CA ILE A 214 34.41 -6.33 3.24
C ILE A 214 33.98 -7.80 3.18
N LEU A 215 34.91 -8.66 2.81
CA LEU A 215 34.62 -10.08 2.63
C LEU A 215 35.42 -10.88 3.67
N VAL A 216 34.73 -11.62 4.53
CA VAL A 216 35.42 -12.51 5.46
C VAL A 216 35.63 -13.82 4.71
N THR A 217 36.83 -14.39 4.80
CA THR A 217 37.20 -15.49 3.90
C THR A 217 38.37 -16.33 4.42
N SER A 218 38.38 -17.60 4.05
CA SER A 218 39.52 -18.46 4.33
C SER A 218 40.10 -19.04 3.03
N LYS A 219 39.96 -18.29 1.93
CA LYS A 219 40.60 -18.64 0.67
C LYS A 219 41.67 -17.62 0.28
N MET A 220 42.84 -18.12 -0.13
CA MET A 220 43.99 -17.26 -0.40
C MET A 220 43.86 -16.40 -1.66
N GLU A 221 43.15 -16.90 -2.68
CA GLU A 221 42.88 -16.12 -3.88
C GLU A 221 42.23 -14.79 -3.52
N HIS A 222 41.39 -14.80 -2.49
CA HIS A 222 40.64 -13.62 -2.10
C HIS A 222 41.53 -12.55 -1.47
N LEU A 223 42.53 -12.98 -0.71
CA LEU A 223 43.55 -12.07 -0.22
C LEU A 223 44.35 -11.53 -1.42
N ARG A 224 44.64 -12.42 -2.36
CA ARG A 224 45.48 -12.10 -3.50
C ARG A 224 44.85 -11.05 -4.42
N LYS A 225 43.53 -11.10 -4.56
CA LYS A 225 42.80 -10.16 -5.40
C LYS A 225 42.28 -8.96 -4.62
N ALA A 226 42.51 -8.95 -3.30
CA ALA A 226 41.97 -7.90 -2.44
C ALA A 226 42.77 -6.61 -2.59
N ASP A 227 42.14 -5.49 -2.25
CA ASP A 227 42.82 -4.19 -2.19
C ASP A 227 43.51 -4.01 -0.85
N LYS A 228 42.87 -4.50 0.21
CA LYS A 228 43.42 -4.44 1.55
C LYS A 228 43.19 -5.78 2.25
N ILE A 229 44.08 -6.14 3.17
CA ILE A 229 43.97 -7.39 3.90
C ILE A 229 44.07 -7.16 5.39
N LEU A 230 43.19 -7.80 6.14
CA LEU A 230 43.23 -7.80 7.59
C LEU A 230 43.23 -9.25 8.04
N ILE A 231 44.28 -9.66 8.75
CA ILE A 231 44.33 -10.98 9.36
C ILE A 231 44.19 -10.88 10.88
N LEU A 232 43.30 -11.68 11.45
CA LEU A 232 43.00 -11.61 12.87
C LEU A 232 43.44 -12.89 13.60
N HIS A 233 43.97 -12.70 14.81
CA HIS A 233 44.23 -13.82 15.71
C HIS A 233 44.04 -13.36 17.17
N GLN A 234 43.16 -14.06 17.88
CA GLN A 234 42.89 -13.73 19.28
C GLN A 234 42.44 -12.28 19.44
N GLY A 235 41.54 -11.84 18.56
CA GLY A 235 40.98 -10.51 18.69
C GLY A 235 42.02 -9.44 18.40
N SER A 236 43.15 -9.87 17.87
CA SER A 236 44.25 -8.97 17.56
C SER A 236 44.53 -8.91 16.08
N SER A 237 45.05 -7.77 15.64
CA SER A 237 45.45 -7.59 14.26
C SER A 237 46.84 -8.22 14.02
N TYR A 238 46.85 -9.37 13.36
CA TYR A 238 48.10 -10.06 13.06
C TYR A 238 48.81 -9.41 11.89
N PHE A 239 48.04 -8.93 10.93
CA PHE A 239 48.59 -8.16 9.81
C PHE A 239 47.50 -7.30 9.19
N TYR A 240 47.89 -6.11 8.75
CA TYR A 240 47.04 -5.28 7.91
C TYR A 240 47.90 -4.63 6.85
N GLY A 241 47.43 -4.66 5.61
CA GLY A 241 48.19 -4.09 4.51
C GLY A 241 47.77 -4.70 3.18
N THR A 242 48.67 -4.62 2.20
CA THR A 242 48.38 -5.15 0.87
C THR A 242 48.88 -6.57 0.78
N PHE A 243 48.52 -7.26 -0.30
CA PHE A 243 48.96 -8.63 -0.51
C PHE A 243 50.47 -8.67 -0.75
N SER A 244 51.02 -7.61 -1.34
CA SER A 244 52.45 -7.53 -1.60
C SER A 244 53.20 -7.43 -0.28
N GLU A 245 52.69 -6.61 0.64
CA GLU A 245 53.29 -6.44 1.95
C GLU A 245 53.15 -7.68 2.82
N LEU A 246 52.13 -8.48 2.56
CA LEU A 246 51.92 -9.69 3.35
C LEU A 246 53.01 -10.70 3.04
N GLN A 247 53.43 -10.74 1.78
CA GLN A 247 54.43 -11.69 1.32
C GLN A 247 55.81 -11.36 1.88
N SER A 248 56.14 -10.07 1.93
CA SER A 248 57.46 -9.65 2.39
C SER A 248 57.52 -9.45 3.91
N LEU A 249 56.46 -8.89 4.50
CA LEU A 249 56.46 -8.59 5.93
C LEU A 249 56.07 -9.79 6.80
N ARG A 250 55.40 -10.78 6.19
CA ARG A 250 54.97 -11.97 6.92
C ARG A 250 55.30 -13.23 6.13
N PRO A 251 56.61 -13.48 5.92
CA PRO A 251 57.11 -14.50 4.99
C PRO A 251 56.85 -15.92 5.46
N ASP A 252 56.79 -16.11 6.77
CA ASP A 252 56.52 -17.43 7.33
C ASP A 252 55.07 -17.84 7.08
N PHE A 253 54.16 -16.92 7.33
CA PHE A 253 52.75 -17.14 7.06
C PHE A 253 52.55 -17.42 5.57
N SER A 254 53.06 -16.51 4.74
CA SER A 254 52.85 -16.57 3.29
C SER A 254 53.37 -17.84 2.66
N SER A 255 54.60 -18.22 2.99
CA SER A 255 55.23 -19.34 2.32
C SER A 255 54.49 -20.63 2.67
N LYS A 256 53.99 -20.70 3.90
CA LYS A 256 53.26 -21.86 4.36
C LYS A 256 51.92 -21.99 3.66
N LEU A 257 51.21 -20.87 3.51
CA LEU A 257 49.87 -20.91 2.93
C LEU A 257 49.84 -20.86 1.41
N MET A 258 50.76 -20.12 0.81
CA MET A 258 50.91 -20.12 -0.64
C MET A 258 51.64 -21.38 -1.07
N GLY A 259 52.13 -22.13 -0.09
CA GLY A 259 52.92 -23.31 -0.37
C GLY A 259 52.12 -24.58 -0.54
N TYR A 260 50.79 -24.47 -0.51
CA TYR A 260 49.95 -25.56 -0.96
C TYR A 260 49.67 -25.38 -2.44
N ASP A 261 49.16 -26.41 -3.09
CA ASP A 261 48.89 -26.29 -4.51
C ASP A 261 47.45 -25.87 -4.80
N THR A 262 46.51 -26.41 -4.03
CA THR A 262 45.11 -26.06 -4.18
C THR A 262 44.45 -25.91 -2.80
N PHE A 263 45.02 -25.03 -1.99
CA PHE A 263 44.51 -24.76 -0.65
C PHE A 263 43.05 -24.31 -0.67
N ASP A 264 42.69 -23.46 -1.63
CA ASP A 264 41.36 -22.87 -1.67
C ASP A 264 40.26 -23.90 -1.94
N GLN A 265 40.66 -25.10 -2.36
CA GLN A 265 39.69 -26.15 -2.67
C GLN A 265 39.60 -27.18 -1.56
N PHE A 266 40.42 -27.03 -0.54
CA PHE A 266 40.23 -27.73 0.72
C PHE A 266 38.86 -27.32 1.29
N THR A 267 38.34 -28.12 2.23
CA THR A 267 37.09 -27.75 2.89
C THR A 267 37.35 -26.54 3.76
N GLU A 268 36.28 -25.86 4.17
CA GLU A 268 36.40 -24.65 4.95
C GLU A 268 36.99 -24.98 6.33
N GLU A 269 36.71 -26.19 6.80
CA GLU A 269 37.17 -26.66 8.10
C GLU A 269 38.69 -26.85 8.07
N ARG A 270 39.20 -27.46 7.01
CA ARG A 270 40.64 -27.66 6.87
C ARG A 270 41.37 -26.33 6.67
N ARG A 271 40.88 -25.50 5.74
CA ARG A 271 41.51 -24.20 5.49
C ARG A 271 41.57 -23.39 6.78
N SER A 272 40.50 -23.44 7.56
CA SER A 272 40.42 -22.66 8.78
C SER A 272 41.38 -23.18 9.85
N SER A 273 41.54 -24.50 9.95
CA SER A 273 42.42 -25.07 10.96
C SER A 273 43.89 -24.94 10.57
N ILE A 274 44.19 -25.06 9.28
CA ILE A 274 45.53 -24.70 8.80
C ILE A 274 45.87 -23.25 9.15
N LEU A 275 44.96 -22.34 8.81
CA LEU A 275 45.14 -20.93 9.16
C LEU A 275 45.36 -20.74 10.66
N THR A 276 44.57 -21.42 11.47
CA THR A 276 44.68 -21.32 12.92
C THR A 276 46.06 -21.79 13.39
N GLU A 277 46.48 -22.96 12.92
CA GLU A 277 47.75 -23.53 13.31
C GLU A 277 48.90 -22.63 12.88
N THR A 278 48.81 -22.09 11.68
CA THR A 278 49.86 -21.24 11.15
C THR A 278 49.94 -19.95 11.96
N LEU A 279 48.79 -19.46 12.42
CA LEU A 279 48.74 -18.23 13.19
C LEU A 279 49.24 -18.47 14.62
N ARG A 280 48.86 -19.62 15.19
CA ARG A 280 49.38 -20.04 16.48
C ARG A 280 50.90 -20.16 16.47
N ARG A 281 51.43 -20.60 15.33
CA ARG A 281 52.86 -20.88 15.16
C ARG A 281 53.67 -19.60 15.06
N PHE A 282 53.22 -18.66 14.23
CA PHE A 282 54.04 -17.51 13.85
C PHE A 282 53.59 -16.19 14.45
N SER A 283 53.14 -16.21 15.69
CA SER A 283 52.75 -14.98 16.37
C SER A 283 53.94 -14.04 16.59
N THR B 2 -15.97 8.18 18.23
CA THR B 2 -15.44 7.59 16.97
C THR B 2 -14.28 8.38 16.35
N THR B 3 -13.38 7.65 15.67
CA THR B 3 -12.27 8.27 14.93
C THR B 3 -12.17 7.69 13.52
N GLY B 4 -11.63 8.49 12.58
CA GLY B 4 -11.18 7.92 11.32
C GLY B 4 -9.79 7.36 11.48
N ILE B 5 -9.25 6.73 10.45
CA ILE B 5 -7.83 6.37 10.46
C ILE B 5 -7.14 6.59 9.12
N ILE B 6 -5.92 7.12 9.17
CA ILE B 6 -5.18 7.48 7.97
C ILE B 6 -3.76 6.96 8.05
N MET B 7 -3.30 6.30 7.00
CA MET B 7 -1.87 6.00 6.86
C MET B 7 -1.32 6.59 5.58
N GLU B 8 -0.37 7.49 5.72
CA GLU B 8 0.28 8.09 4.57
C GLU B 8 1.70 7.60 4.41
N ASN B 9 1.90 6.79 3.36
CA ASN B 9 3.21 6.25 3.01
C ASN B 9 3.98 5.69 4.21
N VAL B 10 3.38 4.74 4.90
CA VAL B 10 3.95 4.21 6.14
C VAL B 10 4.82 2.99 5.86
N THR B 11 5.99 2.97 6.47
CA THR B 11 6.89 1.82 6.42
C THR B 11 7.34 1.51 7.84
N ALA B 12 7.32 0.23 8.22
CA ALA B 12 7.71 -0.13 9.58
C ALA B 12 8.77 -1.21 9.55
N PHE B 13 9.87 -0.96 10.25
CA PHE B 13 11.00 -1.89 10.25
C PHE B 13 10.89 -2.91 11.37
N TRP B 14 11.48 -4.08 11.14
CA TRP B 14 11.61 -5.08 12.19
C TRP B 14 12.45 -4.50 13.33
N GLU B 15 11.90 -4.54 14.54
CA GLU B 15 12.65 -4.13 15.71
C GLU B 15 12.70 -5.27 16.71
N GLU B 16 13.74 -5.27 17.53
CA GLU B 16 13.94 -6.30 18.54
C GLU B 16 12.67 -6.52 19.38
N GLY B 17 12.25 -7.77 19.50
CA GLY B 17 11.14 -8.10 20.37
C GLY B 17 9.80 -8.25 19.66
N PHE B 18 9.63 -7.55 18.54
CA PHE B 18 8.37 -7.58 17.82
C PHE B 18 8.00 -8.99 17.36
N GLY B 19 9.01 -9.77 17.00
CA GLY B 19 8.76 -11.10 16.50
C GLY B 19 8.23 -12.03 17.57
N GLU B 20 8.79 -11.92 18.77
CA GLU B 20 8.35 -12.72 19.91
C GLU B 20 6.96 -12.31 20.36
N LEU B 21 6.65 -11.02 20.18
CA LEU B 21 5.31 -10.52 20.49
C LEU B 21 4.29 -11.14 19.53
N LEU B 22 4.59 -11.14 18.24
CA LEU B 22 3.76 -11.84 17.26
C LEU B 22 3.65 -13.32 17.62
N GLU B 23 4.69 -13.83 18.28
CA GLU B 23 4.74 -15.23 18.67
C GLU B 23 3.85 -15.46 19.88
N LYS B 24 3.81 -14.45 20.77
CA LYS B 24 2.98 -14.49 21.96
C LYS B 24 1.51 -14.22 21.63
N VAL B 25 1.08 -14.71 20.47
CA VAL B 25 -0.32 -14.67 20.06
C VAL B 25 -0.61 -15.92 19.21
N VAL B 41 13.06 -18.64 9.36
CA VAL B 41 12.97 -17.23 9.85
C VAL B 41 13.87 -16.94 11.04
N SER B 42 14.50 -15.77 11.03
CA SER B 42 15.30 -15.30 12.15
C SER B 42 14.98 -13.84 12.47
N PHE B 43 14.34 -13.61 13.61
CA PHE B 43 13.97 -12.26 14.01
C PHE B 43 15.19 -11.38 14.16
N SER B 44 16.26 -11.95 14.72
CA SER B 44 17.50 -11.22 14.92
C SER B 44 18.08 -10.75 13.59
N HIS B 45 18.01 -11.62 12.59
CA HIS B 45 18.58 -11.32 11.30
C HIS B 45 17.78 -10.24 10.60
N LEU B 46 16.46 -10.33 10.72
CA LEU B 46 15.58 -9.30 10.16
C LEU B 46 15.83 -7.95 10.81
N CYS B 47 16.14 -7.97 12.11
CA CYS B 47 16.42 -6.74 12.85
C CYS B 47 17.82 -6.20 12.57
N LEU B 48 18.78 -7.09 12.40
CA LEU B 48 20.16 -6.68 12.15
C LEU B 48 20.22 -5.96 10.81
N VAL B 49 19.67 -6.61 9.78
CA VAL B 49 19.78 -6.13 8.40
C VAL B 49 18.90 -4.89 8.10
N GLY B 50 17.92 -4.61 8.97
CA GLY B 50 17.07 -3.46 8.77
C GLY B 50 15.99 -3.64 7.70
N ASN B 51 15.12 -4.62 7.88
CA ASN B 51 14.07 -4.92 6.90
C ASN B 51 12.69 -4.46 7.32
N PRO B 52 11.90 -3.96 6.37
CA PRO B 52 10.49 -3.63 6.65
C PRO B 52 9.63 -4.86 6.83
N VAL B 53 8.72 -4.81 7.79
CA VAL B 53 7.63 -5.78 7.83
C VAL B 53 6.46 -5.25 7.02
N LEU B 54 6.34 -3.92 6.96
CA LEU B 54 5.33 -3.25 6.15
C LEU B 54 5.93 -2.06 5.41
N LYS B 55 5.62 -1.92 4.12
CA LYS B 55 6.29 -0.95 3.26
C LYS B 55 5.33 -0.12 2.41
N ASN B 56 5.47 1.20 2.50
CA ASN B 56 4.68 2.13 1.70
C ASN B 56 3.18 1.83 1.80
N ILE B 57 2.68 1.72 3.03
CA ILE B 57 1.27 1.46 3.25
C ILE B 57 0.47 2.77 3.24
N ASN B 58 -0.62 2.78 2.47
CA ASN B 58 -1.51 3.93 2.44
C ASN B 58 -2.93 3.48 2.64
N LEU B 59 -3.62 4.15 3.54
CA LEU B 59 -5.06 4.01 3.59
C LEU B 59 -5.70 5.25 4.21
N ASN B 60 -6.95 5.47 3.83
CA ASN B 60 -7.75 6.53 4.42
C ASN B 60 -9.15 6.01 4.72
N ILE B 61 -9.41 5.77 6.01
CA ILE B 61 -10.70 5.24 6.41
C ILE B 61 -11.45 6.29 7.22
N GLU B 62 -12.64 6.62 6.77
CA GLU B 62 -13.46 7.65 7.42
C GLU B 62 -14.25 7.03 8.56
N LYS B 63 -14.59 7.85 9.55
CA LYS B 63 -15.50 7.42 10.61
C LYS B 63 -16.63 6.55 10.06
N GLY B 64 -16.86 5.43 10.74
CA GLY B 64 -18.01 4.62 10.43
C GLY B 64 -17.78 3.60 9.33
N GLU B 65 -16.67 3.77 8.61
CA GLU B 65 -16.35 2.90 7.49
C GLU B 65 -15.75 1.56 7.93
N MET B 66 -15.86 0.55 7.07
CA MET B 66 -15.27 -0.76 7.31
C MET B 66 -14.18 -1.02 6.28
N LEU B 67 -12.96 -1.21 6.76
CA LEU B 67 -11.84 -1.64 5.93
C LEU B 67 -11.74 -3.15 6.02
N ALA B 68 -11.75 -3.82 4.88
CA ALA B 68 -11.49 -5.25 4.85
C ALA B 68 -10.04 -5.44 4.45
N ILE B 69 -9.29 -6.15 5.29
CA ILE B 69 -7.89 -6.45 5.01
C ILE B 69 -7.71 -7.93 4.71
N THR B 70 -7.16 -8.23 3.53
CA THR B 70 -6.84 -9.60 3.19
C THR B 70 -5.46 -9.64 2.53
N GLY B 71 -5.08 -10.80 2.02
CA GLY B 71 -3.74 -10.96 1.50
C GLY B 71 -3.33 -12.42 1.60
N SER B 72 -2.05 -12.69 1.33
CA SER B 72 -1.54 -14.05 1.43
C SER B 72 -1.18 -14.34 2.88
N THR B 73 -1.04 -15.62 3.21
CA THR B 73 -0.57 -16.03 4.53
C THR B 73 0.77 -15.36 4.84
N GLY B 74 0.89 -14.80 6.05
CA GLY B 74 2.11 -14.07 6.40
C GLY B 74 2.42 -12.87 5.52
N SER B 75 1.42 -12.10 5.11
CA SER B 75 1.70 -10.89 4.34
C SER B 75 1.89 -9.67 5.23
N GLY B 76 1.60 -9.83 6.52
CA GLY B 76 1.76 -8.72 7.45
C GLY B 76 0.44 -8.11 7.89
N LYS B 77 -0.64 -8.89 7.76
CA LYS B 77 -1.98 -8.43 8.11
C LYS B 77 -2.11 -8.13 9.61
N THR B 78 -1.71 -9.08 10.45
CA THR B 78 -1.72 -8.87 11.89
C THR B 78 -0.79 -7.74 12.29
N SER B 79 0.34 -7.62 11.60
CA SER B 79 1.33 -6.59 11.93
C SER B 79 0.81 -5.17 11.67
N LEU B 80 -0.05 -5.03 10.67
CA LEU B 80 -0.67 -3.73 10.42
C LEU B 80 -1.56 -3.35 11.62
N LEU B 81 -2.31 -4.32 12.14
CA LEU B 81 -3.09 -4.11 13.36
C LEU B 81 -2.19 -3.72 14.52
N MET B 82 -1.06 -4.41 14.65
CA MET B 82 -0.07 -4.07 15.66
C MET B 82 0.42 -2.63 15.53
N LEU B 83 0.53 -2.16 14.29
CA LEU B 83 1.02 -0.82 14.01
C LEU B 83 0.02 0.20 14.56
N ILE B 84 -1.26 -0.06 14.32
CA ILE B 84 -2.34 0.77 14.83
C ILE B 84 -2.39 0.74 16.35
N LEU B 85 -2.01 -0.39 16.95
CA LEU B 85 -1.96 -0.51 18.41
C LEU B 85 -0.73 0.15 19.03
N GLY B 86 0.21 0.57 18.18
CA GLY B 86 1.42 1.19 18.68
C GLY B 86 2.41 0.15 19.22
N GLU B 87 2.20 -1.11 18.84
CA GLU B 87 3.11 -2.18 19.22
C GLU B 87 4.25 -2.24 18.22
N LEU B 88 4.04 -1.57 17.09
CA LEU B 88 5.03 -1.48 16.04
C LEU B 88 5.09 -0.02 15.62
N GLU B 89 6.30 0.49 15.43
CA GLU B 89 6.50 1.92 15.18
C GLU B 89 6.61 2.23 13.70
N ALA B 90 5.87 3.24 13.27
CA ALA B 90 5.97 3.75 11.91
C ALA B 90 7.28 4.50 11.76
N SER B 91 8.27 3.83 11.17
CA SER B 91 9.60 4.41 11.02
C SER B 91 9.58 5.50 9.95
N GLU B 92 8.68 5.36 8.98
CA GLU B 92 8.49 6.38 7.95
C GLU B 92 7.01 6.63 7.75
N GLY B 93 6.69 7.82 7.22
CA GLY B 93 5.30 8.13 6.92
C GLY B 93 4.50 8.49 8.16
N ILE B 94 3.21 8.71 7.97
CA ILE B 94 2.37 9.16 9.08
C ILE B 94 1.08 8.34 9.27
N ILE B 95 0.77 8.07 10.53
CA ILE B 95 -0.47 7.41 10.89
C ILE B 95 -1.29 8.28 11.85
N LYS B 96 -2.55 8.53 11.49
CA LYS B 96 -3.45 9.38 12.28
C LYS B 96 -4.70 8.63 12.73
N HIS B 97 -4.89 8.53 14.04
CA HIS B 97 -6.17 8.10 14.60
C HIS B 97 -6.24 8.49 16.08
N SER B 98 -7.44 8.74 16.58
CA SER B 98 -7.62 9.22 17.94
C SER B 98 -8.52 8.36 18.80
N GLY B 99 -8.27 8.37 20.10
CA GLY B 99 -9.17 7.72 21.03
C GLY B 99 -8.91 6.25 21.28
N ARG B 100 -9.91 5.57 21.80
CA ARG B 100 -9.80 4.16 22.15
C ARG B 100 -9.85 3.27 20.91
N VAL B 101 -9.04 2.22 20.89
CA VAL B 101 -9.26 1.14 19.94
C VAL B 101 -9.60 -0.15 20.69
N SER B 102 -10.50 -0.93 20.11
CA SER B 102 -10.79 -2.26 20.63
C SER B 102 -10.20 -3.34 19.69
N PHE B 103 -9.48 -4.28 20.30
CA PHE B 103 -8.74 -5.29 19.54
C PHE B 103 -9.27 -6.69 19.82
N CYS B 104 -9.77 -7.34 18.76
CA CYS B 104 -10.12 -8.75 18.83
C CYS B 104 -9.04 -9.57 18.12
N SER B 105 -8.17 -10.21 18.89
CA SER B 105 -7.01 -10.89 18.31
C SER B 105 -7.34 -12.21 17.64
N GLN B 106 -6.44 -12.63 16.76
CA GLN B 106 -6.57 -13.86 15.99
C GLN B 106 -6.69 -15.05 16.92
N PHE B 107 -5.93 -15.03 18.03
CA PHE B 107 -6.05 -16.06 19.04
C PHE B 107 -7.17 -15.68 20.01
N SER B 108 -8.16 -16.55 20.15
CA SER B 108 -9.31 -16.25 21.00
C SER B 108 -9.02 -16.63 22.44
N TRP B 109 -8.84 -15.62 23.29
CA TRP B 109 -8.53 -15.90 24.69
C TRP B 109 -9.74 -15.88 25.60
N ILE B 110 -9.67 -16.70 26.64
CA ILE B 110 -10.76 -16.88 27.58
C ILE B 110 -10.15 -16.79 28.96
N MET B 111 -10.66 -15.87 29.77
CA MET B 111 -10.28 -15.79 31.16
C MET B 111 -11.22 -16.65 32.00
N PRO B 112 -10.70 -17.27 33.07
CA PRO B 112 -11.60 -18.06 33.92
C PRO B 112 -12.69 -17.15 34.44
N GLY B 113 -13.90 -17.69 34.51
CA GLY B 113 -15.04 -16.84 34.74
C GLY B 113 -16.20 -17.32 33.88
N THR B 114 -17.33 -16.64 34.00
CA THR B 114 -18.51 -17.04 33.27
C THR B 114 -18.41 -16.51 31.84
N ILE B 115 -19.35 -16.93 31.00
CA ILE B 115 -19.41 -16.44 29.65
C ILE B 115 -19.65 -14.94 29.67
N LYS B 116 -20.55 -14.51 30.56
CA LYS B 116 -20.90 -13.10 30.68
C LYS B 116 -19.71 -12.27 31.14
N GLU B 117 -19.01 -12.77 32.16
CA GLU B 117 -17.87 -12.06 32.69
C GLU B 117 -16.75 -11.88 31.68
N ASN B 118 -16.59 -12.85 30.78
CA ASN B 118 -15.61 -12.75 29.71
C ASN B 118 -15.98 -11.67 28.71
N ILE B 119 -17.27 -11.54 28.43
CA ILE B 119 -17.73 -10.61 27.41
C ILE B 119 -17.65 -9.20 27.95
N ILE B 120 -17.91 -9.06 29.24
CA ILE B 120 -18.09 -7.78 29.91
C ILE B 120 -16.84 -7.35 30.68
N PHE B 121 -15.78 -8.14 30.54
CA PHE B 121 -14.58 -8.03 31.36
C PHE B 121 -14.06 -6.59 31.53
N GLY B 122 -14.16 -6.08 32.76
CA GLY B 122 -13.54 -4.80 33.09
C GLY B 122 -14.27 -3.58 32.57
N VAL B 123 -15.56 -3.74 32.30
CA VAL B 123 -16.36 -2.70 31.68
C VAL B 123 -17.73 -2.65 32.34
N SER B 124 -18.28 -1.45 32.47
CA SER B 124 -19.57 -1.30 33.15
C SER B 124 -20.66 -2.00 32.35
N TYR B 125 -21.56 -2.68 33.07
CA TYR B 125 -22.60 -3.51 32.46
C TYR B 125 -23.77 -2.67 31.96
N ASP B 126 -24.20 -2.93 30.73
CA ASP B 126 -25.32 -2.21 30.13
C ASP B 126 -26.29 -3.21 29.48
N GLU B 127 -27.32 -3.59 30.22
CA GLU B 127 -28.25 -4.63 29.81
C GLU B 127 -28.60 -4.66 28.33
N TYR B 128 -29.04 -3.53 27.79
CA TYR B 128 -29.49 -3.53 26.40
C TYR B 128 -28.31 -3.76 25.45
N ARG B 129 -27.16 -3.19 25.79
CA ARG B 129 -25.97 -3.31 24.95
C ARG B 129 -25.39 -4.72 25.03
N TYR B 130 -25.39 -5.30 26.23
CA TYR B 130 -24.94 -6.66 26.41
C TYR B 130 -25.81 -7.68 25.65
N LYS B 131 -27.12 -7.67 25.90
CA LYS B 131 -28.06 -8.55 25.23
C LYS B 131 -28.04 -8.32 23.72
N SER B 132 -27.83 -7.08 23.34
CA SER B 132 -27.67 -6.71 21.94
C SER B 132 -26.46 -7.41 21.29
N VAL B 133 -25.34 -7.39 22.00
CA VAL B 133 -24.09 -7.95 21.48
C VAL B 133 -24.16 -9.48 21.45
N VAL B 134 -24.62 -10.06 22.55
CA VAL B 134 -24.84 -11.50 22.62
C VAL B 134 -25.68 -11.98 21.44
N LYS B 135 -26.68 -11.20 21.06
CA LYS B 135 -27.59 -11.64 20.02
C LYS B 135 -26.90 -11.54 18.67
N ALA B 136 -26.33 -10.38 18.39
CA ALA B 136 -25.73 -10.11 17.09
C ALA B 136 -24.52 -11.02 16.82
N CYS B 137 -23.84 -11.43 17.88
CA CYS B 137 -22.72 -12.35 17.74
C CYS B 137 -23.14 -13.82 17.71
N GLN B 138 -24.45 -14.06 17.58
CA GLN B 138 -24.98 -15.41 17.43
C GLN B 138 -24.62 -16.32 18.59
N LEU B 139 -24.53 -15.75 19.78
CA LEU B 139 -24.23 -16.52 20.97
C LEU B 139 -25.48 -17.08 21.64
N GLN B 140 -26.66 -16.58 21.26
CA GLN B 140 -27.87 -17.07 21.88
C GLN B 140 -28.02 -18.56 21.63
N GLN B 141 -27.63 -18.99 20.44
CA GLN B 141 -27.72 -20.39 20.05
C GLN B 141 -26.76 -21.22 20.88
N ASP B 142 -25.69 -20.60 21.37
CA ASP B 142 -24.74 -21.32 22.19
C ASP B 142 -25.20 -21.47 23.64
N ILE B 143 -25.53 -20.36 24.29
CA ILE B 143 -25.76 -20.38 25.73
C ILE B 143 -27.03 -21.16 26.08
N THR B 144 -27.95 -21.23 25.13
CA THR B 144 -29.17 -21.98 25.30
C THR B 144 -28.94 -23.49 25.52
N LYS B 145 -27.76 -23.98 25.16
CA LYS B 145 -27.43 -25.40 25.32
C LYS B 145 -26.89 -25.70 26.71
N PHE B 146 -26.64 -24.65 27.49
CA PHE B 146 -26.00 -24.82 28.79
C PHE B 146 -27.02 -24.66 29.92
N ALA B 147 -26.91 -25.49 30.94
CA ALA B 147 -27.80 -25.41 32.09
C ALA B 147 -27.93 -23.96 32.54
N GLU B 148 -26.78 -23.34 32.84
CA GLU B 148 -26.74 -21.98 33.38
C GLU B 148 -26.59 -20.89 32.33
N GLN B 149 -26.71 -21.28 31.06
CA GLN B 149 -26.55 -20.35 29.94
C GLN B 149 -25.30 -19.48 30.08
N ASP B 150 -25.44 -18.17 29.94
CA ASP B 150 -24.27 -17.28 29.97
C ASP B 150 -23.67 -17.08 31.36
N ASN B 151 -24.23 -17.76 32.37
CA ASN B 151 -23.61 -17.77 33.70
C ASN B 151 -22.73 -19.00 33.84
N THR B 152 -22.62 -19.75 32.75
CA THR B 152 -21.78 -20.93 32.73
C THR B 152 -20.33 -20.53 32.99
N VAL B 153 -19.71 -21.20 33.95
CA VAL B 153 -18.31 -20.99 34.28
C VAL B 153 -17.37 -21.66 33.26
N LEU B 154 -16.44 -20.88 32.72
CA LEU B 154 -15.40 -21.40 31.84
C LEU B 154 -14.06 -21.48 32.56
N GLY B 155 -13.31 -22.54 32.31
CA GLY B 155 -11.90 -22.56 32.65
C GLY B 155 -11.10 -21.73 31.66
N GLU B 156 -9.88 -21.32 32.07
CA GLU B 156 -9.00 -20.54 31.20
C GLU B 156 -8.84 -21.29 29.89
N GLY B 157 -8.95 -20.56 28.78
CA GLY B 157 -8.86 -21.17 27.47
C GLY B 157 -10.19 -21.70 26.97
N GLY B 158 -11.19 -21.77 27.85
CA GLY B 158 -12.50 -22.28 27.45
C GLY B 158 -12.32 -23.50 26.58
N VAL B 159 -11.50 -24.42 27.07
CA VAL B 159 -10.92 -25.46 26.26
C VAL B 159 -11.87 -26.48 25.63
N THR B 160 -13.02 -26.74 26.25
CA THR B 160 -13.97 -27.73 25.74
C THR B 160 -15.04 -27.11 24.84
N LEU B 161 -14.97 -25.79 24.68
CA LEU B 161 -15.78 -25.07 23.70
C LEU B 161 -15.25 -25.39 22.30
N SER B 162 -16.02 -25.05 21.26
CA SER B 162 -15.52 -25.12 19.90
C SER B 162 -14.72 -23.88 19.50
N GLY B 163 -13.91 -24.01 18.46
CA GLY B 163 -13.19 -22.85 17.94
C GLY B 163 -14.08 -21.66 17.66
N GLY B 164 -15.26 -21.90 17.10
CA GLY B 164 -16.12 -20.80 16.73
C GLY B 164 -16.77 -20.15 17.94
N GLN B 165 -17.12 -20.98 18.92
CA GLN B 165 -17.69 -20.49 20.16
C GLN B 165 -16.72 -19.56 20.90
N ARG B 166 -15.45 -19.96 20.98
CA ARG B 166 -14.45 -19.14 21.64
C ARG B 166 -14.24 -17.84 20.88
N ALA B 167 -14.34 -17.91 19.55
CA ALA B 167 -14.16 -16.71 18.73
C ALA B 167 -15.34 -15.75 18.83
N ARG B 168 -16.56 -16.29 18.90
CA ARG B 168 -17.74 -15.44 19.03
C ARG B 168 -17.72 -14.71 20.36
N ILE B 169 -17.31 -15.43 21.41
CA ILE B 169 -17.20 -14.85 22.74
C ILE B 169 -16.20 -13.69 22.77
N SER B 170 -15.05 -13.86 22.13
CA SER B 170 -14.05 -12.81 22.18
C SER B 170 -14.30 -11.72 21.13
N LEU B 171 -15.12 -12.03 20.13
CA LEU B 171 -15.66 -11.00 19.25
C LEU B 171 -16.67 -10.16 20.05
N ALA B 172 -17.49 -10.84 20.85
CA ALA B 172 -18.47 -10.16 21.68
C ALA B 172 -17.75 -9.25 22.69
N ARG B 173 -16.66 -9.76 23.27
CA ARG B 173 -15.85 -8.96 24.18
C ARG B 173 -15.36 -7.65 23.55
N ALA B 174 -14.88 -7.73 22.31
CA ALA B 174 -14.27 -6.57 21.68
C ALA B 174 -15.34 -5.60 21.15
N VAL B 175 -16.49 -6.16 20.76
CA VAL B 175 -17.60 -5.38 20.22
C VAL B 175 -18.38 -4.67 21.34
N TYR B 176 -18.53 -5.34 22.48
CA TYR B 176 -19.22 -4.75 23.63
C TYR B 176 -18.45 -3.58 24.25
N LYS B 177 -17.13 -3.62 24.10
CA LYS B 177 -16.28 -2.55 24.59
C LYS B 177 -16.59 -1.30 23.77
N ASP B 178 -16.74 -0.17 24.45
CA ASP B 178 -16.97 1.08 23.75
C ASP B 178 -15.65 1.73 23.30
N ALA B 179 -15.53 1.96 22.00
CA ALA B 179 -14.28 2.45 21.42
C ALA B 179 -14.54 3.19 20.11
N ASP B 180 -13.52 3.89 19.64
CA ASP B 180 -13.61 4.68 18.41
C ASP B 180 -13.21 3.84 17.19
N LEU B 181 -12.31 2.87 17.40
CA LEU B 181 -11.79 2.06 16.31
C LEU B 181 -11.74 0.56 16.71
N TYR B 182 -12.35 -0.28 15.89
CA TYR B 182 -12.44 -1.71 16.16
C TYR B 182 -11.57 -2.50 15.20
N LEU B 183 -10.60 -3.23 15.75
CA LEU B 183 -9.68 -4.08 14.98
C LEU B 183 -10.02 -5.55 15.16
N LEU B 184 -10.49 -6.19 14.10
CA LEU B 184 -10.99 -7.57 14.16
C LEU B 184 -10.10 -8.52 13.35
N ASP B 185 -9.19 -9.24 14.00
CA ASP B 185 -8.25 -10.08 13.26
C ASP B 185 -8.78 -11.49 13.07
N SER B 186 -9.35 -11.75 11.89
CA SER B 186 -9.65 -13.11 11.45
C SER B 186 -10.60 -13.92 12.34
N PRO B 187 -11.67 -13.28 12.85
CA PRO B 187 -12.63 -14.05 13.66
C PRO B 187 -13.39 -15.14 12.87
N PHE B 188 -13.48 -14.98 11.55
CA PHE B 188 -14.29 -15.91 10.75
C PHE B 188 -13.42 -16.94 10.02
N GLY B 189 -12.94 -17.95 10.78
CA GLY B 189 -12.05 -18.94 10.19
C GLY B 189 -12.30 -20.37 10.63
N TYR B 190 -13.53 -20.68 11.01
CA TYR B 190 -13.85 -22.02 11.51
C TYR B 190 -14.90 -22.73 10.68
N LEU B 191 -15.22 -23.97 11.03
CA LEU B 191 -16.06 -24.82 10.21
C LEU B 191 -17.56 -24.44 10.18
N ASP B 192 -18.08 -23.90 11.28
CA ASP B 192 -19.49 -23.55 11.35
C ASP B 192 -19.77 -22.26 10.60
N VAL B 193 -19.93 -22.42 9.30
CA VAL B 193 -19.62 -21.37 8.35
C VAL B 193 -20.90 -20.57 8.13
N PHE B 194 -22.05 -21.24 8.28
CA PHE B 194 -23.34 -20.57 8.20
C PHE B 194 -23.53 -19.58 9.34
N THR B 195 -23.13 -19.98 10.56
CA THR B 195 -23.08 -19.07 11.68
C THR B 195 -22.19 -17.85 11.43
N GLU B 196 -20.98 -18.08 10.90
CA GLU B 196 -20.06 -16.98 10.65
C GLU B 196 -20.67 -15.96 9.70
N GLU B 197 -21.46 -16.45 8.74
CA GLU B 197 -22.16 -15.58 7.80
C GLU B 197 -23.21 -14.77 8.53
N GLN B 198 -23.95 -15.41 9.43
CA GLN B 198 -24.90 -14.68 10.26
C GLN B 198 -24.19 -13.62 11.09
N VAL B 199 -23.09 -13.98 11.75
CA VAL B 199 -22.35 -13.03 12.58
C VAL B 199 -21.80 -11.86 11.77
N PHE B 200 -21.33 -12.11 10.55
CA PHE B 200 -20.84 -11.00 9.73
C PHE B 200 -21.97 -10.03 9.41
N GLU B 201 -23.13 -10.55 9.01
CA GLU B 201 -24.28 -9.72 8.67
C GLU B 201 -24.77 -8.93 9.89
N SER B 202 -25.07 -9.64 10.98
CA SER B 202 -25.75 -9.07 12.14
C SER B 202 -24.85 -8.18 12.99
N CYS B 203 -23.59 -8.60 13.15
CA CYS B 203 -22.69 -7.90 14.05
C CYS B 203 -21.86 -6.83 13.34
N VAL B 204 -21.12 -7.24 12.33
CA VAL B 204 -20.15 -6.34 11.69
C VAL B 204 -20.81 -5.38 10.71
N CYS B 205 -21.86 -5.84 10.03
CA CYS B 205 -22.55 -4.99 9.07
C CYS B 205 -23.67 -4.16 9.70
N LYS B 206 -24.44 -4.74 10.61
CA LYS B 206 -25.56 -4.00 11.19
C LYS B 206 -25.27 -3.35 12.54
N LEU B 207 -25.05 -4.15 13.59
CA LEU B 207 -24.75 -3.59 14.90
C LEU B 207 -23.61 -2.55 14.85
N MET B 208 -22.55 -2.86 14.11
CA MET B 208 -21.39 -1.97 14.05
C MET B 208 -21.39 -1.08 12.81
N ALA B 209 -22.57 -0.90 12.21
CA ALA B 209 -22.69 -0.08 11.00
C ALA B 209 -22.04 1.29 11.07
N ASN B 210 -22.08 1.94 12.24
CA ASN B 210 -21.49 3.26 12.39
C ASN B 210 -20.17 3.28 13.16
N LYS B 211 -19.59 2.11 13.37
CA LYS B 211 -18.31 2.02 14.06
C LYS B 211 -17.17 1.86 13.05
N THR B 212 -16.08 2.61 13.25
CA THR B 212 -14.94 2.46 12.36
C THR B 212 -14.29 1.14 12.70
N ARG B 213 -14.17 0.28 11.70
CA ARG B 213 -13.77 -1.09 11.96
C ARG B 213 -12.90 -1.64 10.84
N ILE B 214 -11.92 -2.45 11.25
CA ILE B 214 -11.02 -3.09 10.32
C ILE B 214 -11.12 -4.60 10.54
N LEU B 215 -11.52 -5.32 9.50
CA LEU B 215 -11.71 -6.75 9.58
C LEU B 215 -10.66 -7.41 8.69
N VAL B 216 -9.80 -8.21 9.31
CA VAL B 216 -8.87 -9.02 8.54
C VAL B 216 -9.65 -10.27 8.20
N THR B 217 -9.60 -10.69 6.95
CA THR B 217 -10.52 -11.71 6.49
C THR B 217 -9.97 -12.46 5.28
N SER B 218 -10.51 -13.65 5.04
CA SER B 218 -10.18 -14.41 3.84
C SER B 218 -11.43 -14.69 3.03
N LYS B 219 -12.55 -14.04 3.36
CA LYS B 219 -13.78 -14.24 2.62
C LYS B 219 -14.08 -13.08 1.67
N MET B 220 -14.38 -13.39 0.41
CA MET B 220 -14.57 -12.36 -0.62
C MET B 220 -15.83 -11.55 -0.40
N GLU B 221 -16.85 -12.16 0.18
CA GLU B 221 -18.09 -11.44 0.53
C GLU B 221 -17.81 -10.22 1.41
N HIS B 222 -16.81 -10.33 2.27
CA HIS B 222 -16.46 -9.23 3.17
C HIS B 222 -15.78 -8.10 2.41
N LEU B 223 -15.12 -8.43 1.31
CA LEU B 223 -14.53 -7.40 0.46
C LEU B 223 -15.63 -6.73 -0.33
N ARG B 224 -16.59 -7.53 -0.77
CA ARG B 224 -17.73 -7.02 -1.52
C ARG B 224 -18.53 -6.01 -0.67
N LYS B 225 -18.63 -6.25 0.63
CA LYS B 225 -19.43 -5.42 1.49
C LYS B 225 -18.63 -4.31 2.15
N ALA B 226 -17.30 -4.38 2.03
CA ALA B 226 -16.45 -3.42 2.71
C ALA B 226 -16.54 -2.06 2.04
N ASP B 227 -16.28 -1.00 2.80
CA ASP B 227 -16.18 0.33 2.19
C ASP B 227 -14.82 0.52 1.50
N LYS B 228 -13.76 0.02 2.11
CA LYS B 228 -12.44 0.05 1.51
C LYS B 228 -11.74 -1.29 1.72
N ILE B 229 -10.82 -1.61 0.81
CA ILE B 229 -10.12 -2.89 0.81
C ILE B 229 -8.61 -2.68 0.78
N LEU B 230 -7.90 -3.38 1.66
CA LEU B 230 -6.45 -3.46 1.59
C LEU B 230 -6.06 -4.91 1.33
N ILE B 231 -5.25 -5.14 0.31
CA ILE B 231 -4.70 -6.47 0.08
C ILE B 231 -3.18 -6.44 0.22
N LEU B 232 -2.67 -7.20 1.18
CA LEU B 232 -1.25 -7.30 1.47
C LEU B 232 -0.60 -8.52 0.81
N HIS B 233 0.63 -8.34 0.35
CA HIS B 233 1.49 -9.45 -0.06
C HIS B 233 2.95 -9.11 0.19
N GLN B 234 3.65 -10.03 0.86
CA GLN B 234 5.03 -9.82 1.25
C GLN B 234 5.28 -8.45 1.90
N GLY B 235 4.30 -7.98 2.68
CA GLY B 235 4.46 -6.75 3.43
C GLY B 235 4.21 -5.49 2.60
N SER B 236 3.71 -5.68 1.38
CA SER B 236 3.45 -4.56 0.48
C SER B 236 1.98 -4.50 0.13
N SER B 237 1.50 -3.31 -0.21
CA SER B 237 0.13 -3.15 -0.66
C SER B 237 -0.02 -3.66 -2.09
N TYR B 238 -0.62 -4.83 -2.25
CA TYR B 238 -0.95 -5.32 -3.57
C TYR B 238 -2.05 -4.43 -4.16
N PHE B 239 -2.99 -4.03 -3.30
CA PHE B 239 -4.12 -3.22 -3.74
C PHE B 239 -4.72 -2.46 -2.57
N TYR B 240 -5.09 -1.20 -2.82
CA TYR B 240 -5.94 -0.44 -1.91
C TYR B 240 -7.01 0.33 -2.67
N GLY B 241 -8.26 0.13 -2.28
CA GLY B 241 -9.33 0.88 -2.86
C GLY B 241 -10.70 0.27 -2.59
N THR B 242 -11.65 0.55 -3.47
CA THR B 242 -12.99 0.06 -3.28
C THR B 242 -13.16 -1.23 -4.06
N PHE B 243 -14.23 -1.96 -3.79
CA PHE B 243 -14.43 -3.24 -4.43
C PHE B 243 -14.60 -3.09 -5.94
N SER B 244 -15.17 -1.96 -6.36
CA SER B 244 -15.33 -1.70 -7.78
C SER B 244 -13.97 -1.49 -8.43
N GLU B 245 -13.12 -0.73 -7.75
CA GLU B 245 -11.75 -0.51 -8.22
C GLU B 245 -10.92 -1.80 -8.22
N LEU B 246 -11.26 -2.73 -7.32
CA LEU B 246 -10.58 -4.02 -7.32
C LEU B 246 -10.93 -4.78 -8.59
N GLN B 247 -12.23 -4.86 -8.87
CA GLN B 247 -12.74 -5.59 -10.02
C GLN B 247 -12.16 -5.06 -11.33
N SER B 248 -12.03 -3.74 -11.43
CA SER B 248 -11.59 -3.14 -12.69
C SER B 248 -10.08 -2.97 -12.79
N LEU B 249 -9.41 -2.70 -11.67
CA LEU B 249 -7.97 -2.45 -11.67
C LEU B 249 -7.13 -3.69 -11.38
N ARG B 250 -7.77 -4.74 -10.88
CA ARG B 250 -7.08 -6.01 -10.67
C ARG B 250 -7.94 -7.15 -11.21
N PRO B 251 -8.15 -7.18 -12.53
CA PRO B 251 -9.09 -8.12 -13.17
C PRO B 251 -8.67 -9.59 -13.11
N ASP B 252 -7.37 -9.84 -12.98
CA ASP B 252 -6.87 -11.21 -12.95
C ASP B 252 -7.08 -11.85 -11.58
N PHE B 253 -6.72 -11.11 -10.52
CA PHE B 253 -7.06 -11.52 -9.17
C PHE B 253 -8.57 -11.68 -9.03
N SER B 254 -9.33 -10.68 -9.45
CA SER B 254 -10.77 -10.66 -9.27
C SER B 254 -11.45 -11.80 -10.00
N SER B 255 -11.01 -12.04 -11.23
CA SER B 255 -11.58 -13.08 -12.06
C SER B 255 -11.28 -14.45 -11.45
N LYS B 256 -10.07 -14.61 -10.95
CA LYS B 256 -9.68 -15.86 -10.30
C LYS B 256 -10.57 -16.15 -9.09
N LEU B 257 -10.67 -15.17 -8.19
CA LEU B 257 -11.32 -15.38 -6.90
C LEU B 257 -12.83 -15.50 -7.00
N MET B 258 -13.44 -14.64 -7.81
CA MET B 258 -14.87 -14.72 -8.08
C MET B 258 -15.17 -15.88 -9.02
N GLY B 259 -14.14 -16.57 -9.47
CA GLY B 259 -14.31 -17.67 -10.41
C GLY B 259 -14.74 -18.97 -9.75
N TYR B 260 -14.75 -19.00 -8.43
CA TYR B 260 -15.34 -20.12 -7.70
C TYR B 260 -16.78 -19.77 -7.37
N ASP B 261 -17.59 -20.80 -7.11
CA ASP B 261 -19.01 -20.60 -6.83
C ASP B 261 -19.22 -20.26 -5.35
N THR B 262 -18.57 -21.03 -4.49
CA THR B 262 -18.74 -20.88 -3.05
C THR B 262 -17.40 -20.83 -2.34
N PHE B 263 -16.51 -19.97 -2.81
CA PHE B 263 -15.17 -19.83 -2.25
C PHE B 263 -15.21 -19.58 -0.74
N ASP B 264 -16.17 -18.78 -0.30
CA ASP B 264 -16.22 -18.37 1.11
C ASP B 264 -16.56 -19.54 2.05
N GLN B 265 -17.04 -20.65 1.51
CA GLN B 265 -17.37 -21.79 2.36
C GLN B 265 -16.31 -22.88 2.36
N PHE B 266 -15.24 -22.66 1.60
CA PHE B 266 -14.01 -23.44 1.75
C PHE B 266 -13.47 -23.25 3.17
N THR B 267 -12.57 -24.13 3.59
CA THR B 267 -11.86 -23.95 4.85
C THR B 267 -10.97 -22.72 4.78
N GLU B 268 -10.66 -22.17 5.95
CA GLU B 268 -9.77 -21.02 6.05
C GLU B 268 -8.43 -21.34 5.39
N GLU B 269 -7.89 -22.53 5.66
CA GLU B 269 -6.61 -22.93 5.09
C GLU B 269 -6.66 -22.90 3.56
N ARG B 270 -7.68 -23.55 2.99
CA ARG B 270 -7.86 -23.56 1.54
C ARG B 270 -8.03 -22.15 0.98
N ARG B 271 -8.80 -21.30 1.66
CA ARG B 271 -9.02 -19.94 1.18
C ARG B 271 -7.72 -19.13 1.20
N SER B 272 -7.00 -19.18 2.31
CA SER B 272 -5.72 -18.49 2.41
C SER B 272 -4.72 -19.03 1.39
N SER B 273 -4.75 -20.34 1.17
CA SER B 273 -3.85 -20.95 0.22
C SER B 273 -4.12 -20.44 -1.20
N ILE B 274 -5.40 -20.41 -1.58
CA ILE B 274 -5.78 -19.89 -2.89
C ILE B 274 -5.39 -18.42 -3.07
N LEU B 275 -5.69 -17.59 -2.06
CA LEU B 275 -5.29 -16.20 -2.09
C LEU B 275 -3.77 -16.08 -2.24
N THR B 276 -3.03 -16.95 -1.55
CA THR B 276 -1.57 -16.94 -1.61
C THR B 276 -1.03 -17.29 -3.00
N GLU B 277 -1.55 -18.35 -3.61
CA GLU B 277 -1.13 -18.70 -4.97
C GLU B 277 -1.48 -17.59 -5.94
N THR B 278 -2.70 -17.06 -5.84
CA THR B 278 -3.16 -16.05 -6.77
C THR B 278 -2.30 -14.80 -6.67
N LEU B 279 -1.92 -14.45 -5.45
CA LEU B 279 -1.11 -13.25 -5.20
C LEU B 279 0.34 -13.46 -5.63
N ARG B 280 0.84 -14.68 -5.47
CA ARG B 280 2.19 -14.99 -5.93
C ARG B 280 2.24 -14.88 -7.44
N ARG B 281 1.18 -15.36 -8.08
CA ARG B 281 1.12 -15.42 -9.53
C ARG B 281 1.07 -14.02 -10.14
N PHE B 282 0.36 -13.10 -9.51
CA PHE B 282 0.11 -11.80 -10.15
C PHE B 282 0.88 -10.65 -9.50
N SER B 283 0.88 -9.51 -10.17
CA SER B 283 1.86 -8.45 -9.90
C SER B 283 1.28 -7.04 -9.80
N SER C 1 -27.78 4.42 4.98
CA SER C 1 -26.67 5.34 5.32
C SER C 1 -27.09 6.41 6.33
N THR C 2 -26.12 6.93 7.07
CA THR C 2 -26.37 8.04 7.98
C THR C 2 -25.31 9.12 7.78
N THR C 3 -25.57 10.30 8.33
CA THR C 3 -24.62 11.39 8.25
C THR C 3 -24.32 11.90 9.65
N GLY C 4 -23.12 12.41 9.86
CA GLY C 4 -22.85 13.20 11.05
C GLY C 4 -23.37 14.61 10.80
N ILE C 5 -23.44 15.41 11.85
CA ILE C 5 -23.77 16.81 11.66
C ILE C 5 -22.95 17.68 12.58
N ILE C 6 -22.31 18.68 12.00
CA ILE C 6 -21.44 19.58 12.73
C ILE C 6 -21.90 21.04 12.58
N MET C 7 -22.00 21.73 13.71
CA MET C 7 -22.18 23.18 13.70
C MET C 7 -21.00 23.80 14.45
N GLU C 8 -20.29 24.70 13.79
CA GLU C 8 -19.17 25.39 14.43
C GLU C 8 -19.43 26.88 14.54
N ASN C 9 -19.60 27.33 15.78
CA ASN C 9 -19.84 28.74 16.07
C ASN C 9 -20.91 29.33 15.14
N VAL C 10 -22.07 28.69 15.07
CA VAL C 10 -23.11 29.12 14.15
C VAL C 10 -23.96 30.24 14.73
N THR C 11 -24.14 31.31 13.95
CA THR C 11 -25.07 32.37 14.31
C THR C 11 -26.00 32.62 13.13
N ALA C 12 -27.30 32.67 13.40
CA ALA C 12 -28.26 32.91 12.34
C ALA C 12 -29.11 34.09 12.76
N PHE C 13 -29.32 35.02 11.82
CA PHE C 13 -30.05 36.23 12.11
C PHE C 13 -31.46 36.14 11.54
N TRP C 14 -32.37 36.89 12.14
CA TRP C 14 -33.71 37.04 11.59
C TRP C 14 -33.64 37.59 10.18
N GLU C 15 -34.27 36.88 9.26
CA GLU C 15 -34.41 37.38 7.89
C GLU C 15 -35.88 37.35 7.53
N GLU C 16 -36.30 38.30 6.70
CA GLU C 16 -37.72 38.47 6.42
C GLU C 16 -38.32 37.21 5.81
N GLY C 17 -39.52 36.88 6.28
CA GLY C 17 -40.19 35.68 5.79
C GLY C 17 -40.11 34.53 6.77
N PHE C 18 -39.02 34.45 7.52
CA PHE C 18 -38.73 33.32 8.39
C PHE C 18 -39.81 33.19 9.46
N GLY C 19 -40.23 34.31 10.02
CA GLY C 19 -41.24 34.28 11.06
C GLY C 19 -42.57 33.76 10.54
N GLU C 20 -42.89 34.12 9.30
CA GLU C 20 -44.10 33.63 8.64
C GLU C 20 -44.01 32.12 8.47
N LEU C 21 -42.81 31.64 8.17
CA LEU C 21 -42.55 30.21 8.00
C LEU C 21 -42.77 29.45 9.31
N LEU C 22 -42.26 29.99 10.41
CA LEU C 22 -42.53 29.43 11.73
C LEU C 22 -44.03 29.50 12.05
N GLU C 23 -44.68 30.54 11.54
CA GLU C 23 -46.10 30.78 11.79
C GLU C 23 -46.94 29.79 10.99
N LYS C 24 -46.35 29.29 9.90
CA LYS C 24 -46.97 28.26 9.08
C LYS C 24 -46.53 26.87 9.57
N VAL C 25 -46.53 26.70 10.88
CA VAL C 25 -46.39 25.38 11.50
C VAL C 25 -47.32 25.36 12.72
N PHE C 43 -42.31 40.38 13.57
CA PHE C 43 -41.06 39.80 12.98
C PHE C 43 -40.29 40.89 12.24
N SER C 44 -41.04 41.84 11.68
CA SER C 44 -40.45 42.90 10.88
C SER C 44 -39.44 43.69 11.69
N HIS C 45 -39.71 43.89 12.98
CA HIS C 45 -38.79 44.60 13.85
C HIS C 45 -37.53 43.81 14.18
N LEU C 46 -37.67 42.50 14.34
CA LEU C 46 -36.50 41.67 14.59
C LEU C 46 -35.55 41.67 13.40
N CYS C 47 -36.08 41.88 12.20
CA CYS C 47 -35.27 41.88 10.99
C CYS C 47 -34.59 43.23 10.74
N LEU C 48 -35.30 44.31 11.05
CA LEU C 48 -34.71 45.63 10.90
C LEU C 48 -33.56 45.76 11.88
N VAL C 49 -33.84 45.48 13.15
CA VAL C 49 -32.87 45.66 14.23
C VAL C 49 -31.63 44.74 14.08
N GLY C 50 -31.77 43.67 13.30
CA GLY C 50 -30.63 42.80 13.03
C GLY C 50 -30.28 41.84 14.15
N ASN C 51 -31.24 41.00 14.54
CA ASN C 51 -31.09 40.19 15.74
C ASN C 51 -30.93 38.70 15.43
N PRO C 52 -30.00 38.03 16.14
CA PRO C 52 -29.89 36.57 16.00
C PRO C 52 -31.13 35.84 16.48
N VAL C 53 -31.54 34.82 15.75
CA VAL C 53 -32.46 33.84 16.31
C VAL C 53 -31.62 32.84 17.09
N LEU C 54 -30.42 32.53 16.57
CA LEU C 54 -29.51 31.58 17.20
C LEU C 54 -28.08 32.11 17.15
N LYS C 55 -27.30 31.84 18.20
CA LYS C 55 -26.04 32.53 18.41
C LYS C 55 -24.96 31.61 18.97
N ASN C 56 -23.81 31.58 18.30
CA ASN C 56 -22.66 30.79 18.73
C ASN C 56 -23.08 29.36 19.07
N ILE C 57 -23.72 28.70 18.11
CA ILE C 57 -24.18 27.35 18.31
C ILE C 57 -23.08 26.37 17.90
N ASN C 58 -22.76 25.46 18.81
CA ASN C 58 -21.77 24.44 18.54
C ASN C 58 -22.35 23.07 18.82
N LEU C 59 -22.18 22.15 17.87
CA LEU C 59 -22.44 20.75 18.13
C LEU C 59 -21.70 19.86 17.15
N ASN C 60 -21.39 18.64 17.60
CA ASN C 60 -20.71 17.67 16.76
C ASN C 60 -21.32 16.28 16.98
N ILE C 61 -22.20 15.90 16.07
CA ILE C 61 -22.98 14.67 16.24
C ILE C 61 -22.46 13.61 15.27
N GLU C 62 -22.01 12.49 15.82
CA GLU C 62 -21.46 11.39 15.02
C GLU C 62 -22.57 10.56 14.39
N LYS C 63 -22.25 9.89 13.28
CA LYS C 63 -23.17 8.98 12.62
C LYS C 63 -23.81 8.01 13.61
N GLY C 64 -25.14 7.95 13.58
CA GLY C 64 -25.86 7.00 14.43
C GLY C 64 -26.19 7.49 15.83
N GLU C 65 -25.70 8.67 16.18
CA GLU C 65 -25.94 9.26 17.50
C GLU C 65 -27.29 9.96 17.58
N MET C 66 -27.83 10.03 18.80
CA MET C 66 -29.04 10.79 19.05
C MET C 66 -28.69 12.09 19.78
N LEU C 67 -29.07 13.23 19.23
CA LEU C 67 -28.95 14.51 19.94
C LEU C 67 -30.31 14.86 20.52
N ALA C 68 -30.36 15.09 21.83
CA ALA C 68 -31.57 15.62 22.47
C ALA C 68 -31.47 17.13 22.64
N ILE C 69 -32.38 17.85 22.02
CA ILE C 69 -32.47 19.30 22.17
C ILE C 69 -33.62 19.68 23.08
N THR C 70 -33.31 20.39 24.16
CA THR C 70 -34.35 20.93 25.02
C THR C 70 -34.02 22.39 25.36
N GLY C 71 -34.78 22.97 26.29
CA GLY C 71 -34.58 24.36 26.61
C GLY C 71 -35.89 25.03 27.02
N SER C 72 -35.84 26.34 27.20
CA SER C 72 -37.02 27.07 27.64
C SER C 72 -37.98 27.25 26.46
N THR C 73 -39.22 27.59 26.78
CA THR C 73 -40.21 27.81 25.74
C THR C 73 -39.76 28.99 24.87
N GLY C 74 -39.73 28.79 23.55
CA GLY C 74 -39.34 29.86 22.65
C GLY C 74 -37.85 30.12 22.63
N SER C 75 -37.03 29.11 22.95
CA SER C 75 -35.58 29.33 22.97
C SER C 75 -34.87 29.21 21.61
N GLY C 76 -35.58 28.72 20.59
CA GLY C 76 -34.96 28.58 19.29
C GLY C 76 -34.81 27.13 18.83
N LYS C 77 -35.48 26.21 19.53
CA LYS C 77 -35.36 24.80 19.19
C LYS C 77 -35.83 24.48 17.77
N THR C 78 -37.02 24.93 17.40
CA THR C 78 -37.53 24.65 16.05
C THR C 78 -36.67 25.34 15.00
N SER C 79 -36.16 26.52 15.33
CA SER C 79 -35.34 27.29 14.41
C SER C 79 -34.02 26.60 14.13
N LEU C 80 -33.48 25.92 15.13
CA LEU C 80 -32.27 25.14 14.95
C LEU C 80 -32.53 24.09 13.86
N LEU C 81 -33.69 23.44 13.93
CA LEU C 81 -34.05 22.46 12.93
C LEU C 81 -34.22 23.11 11.57
N MET C 82 -34.73 24.34 11.55
CA MET C 82 -34.94 25.07 10.30
C MET C 82 -33.60 25.42 9.66
N LEU C 83 -32.66 25.81 10.51
CA LEU C 83 -31.27 26.00 10.11
C LEU C 83 -30.80 24.77 9.35
N ILE C 84 -30.91 23.60 9.98
CA ILE C 84 -30.51 22.33 9.36
C ILE C 84 -31.22 22.07 8.04
N LEU C 85 -32.49 22.44 7.96
CA LEU C 85 -33.27 22.18 6.75
C LEU C 85 -32.94 23.13 5.60
N GLY C 86 -32.15 24.16 5.90
CA GLY C 86 -31.82 25.14 4.88
C GLY C 86 -32.84 26.25 4.77
N GLU C 87 -33.76 26.32 5.73
CA GLU C 87 -34.81 27.32 5.70
C GLU C 87 -34.36 28.57 6.45
N LEU C 88 -33.32 28.42 7.25
CA LEU C 88 -32.68 29.55 7.91
C LEU C 88 -31.20 29.57 7.51
N GLU C 89 -30.72 30.75 7.14
CA GLU C 89 -29.33 30.90 6.70
C GLU C 89 -28.40 31.15 7.88
N ALA C 90 -27.33 30.38 7.95
CA ALA C 90 -26.32 30.58 8.98
C ALA C 90 -25.44 31.74 8.57
N SER C 91 -25.60 32.87 9.23
CA SER C 91 -24.89 34.09 8.85
C SER C 91 -23.44 34.05 9.32
N GLU C 92 -23.20 33.40 10.45
CA GLU C 92 -21.84 33.13 10.92
C GLU C 92 -21.63 31.63 11.13
N GLY C 93 -20.38 31.20 11.09
CA GLY C 93 -20.07 29.82 11.43
C GLY C 93 -20.25 28.85 10.28
N ILE C 94 -20.11 27.56 10.59
CA ILE C 94 -20.15 26.51 9.58
C ILE C 94 -21.09 25.36 9.98
N ILE C 95 -21.89 24.93 9.03
CA ILE C 95 -22.78 23.79 9.20
C ILE C 95 -22.38 22.68 8.23
N LYS C 96 -22.13 21.49 8.76
CA LYS C 96 -21.73 20.36 7.93
C LYS C 96 -22.60 19.13 8.15
N HIS C 97 -23.30 18.72 7.10
CA HIS C 97 -23.91 17.39 7.04
C HIS C 97 -24.26 17.10 5.59
N SER C 98 -24.53 15.84 5.28
CA SER C 98 -24.80 15.43 3.92
C SER C 98 -26.00 14.50 3.85
N GLY C 99 -26.53 14.29 2.65
CA GLY C 99 -27.61 13.35 2.47
C GLY C 99 -29.00 13.91 2.75
N ARG C 100 -29.99 13.04 2.71
CA ARG C 100 -31.38 13.43 2.95
C ARG C 100 -31.64 13.63 4.45
N VAL C 101 -32.49 14.59 4.76
CA VAL C 101 -33.02 14.66 6.11
C VAL C 101 -34.52 14.39 6.04
N SER C 102 -35.05 13.74 7.08
CA SER C 102 -36.48 13.55 7.24
C SER C 102 -36.88 14.41 8.43
N PHE C 103 -37.94 15.20 8.24
CA PHE C 103 -38.37 16.16 9.25
C PHE C 103 -39.77 15.80 9.70
N CYS C 104 -39.92 15.64 11.02
CA CYS C 104 -41.23 15.42 11.62
C CYS C 104 -41.56 16.67 12.43
N SER C 105 -42.50 17.47 11.95
CA SER C 105 -42.77 18.77 12.58
C SER C 105 -43.66 18.71 13.83
N GLN C 106 -43.61 19.80 14.59
CA GLN C 106 -44.36 19.97 15.84
C GLN C 106 -45.86 19.86 15.55
N PHE C 107 -46.28 20.41 14.41
CA PHE C 107 -47.65 20.26 13.94
C PHE C 107 -47.80 18.96 13.14
N SER C 108 -48.76 18.13 13.55
CA SER C 108 -49.00 16.85 12.87
C SER C 108 -49.94 16.99 11.67
N TRP C 109 -49.39 17.01 10.46
CA TRP C 109 -50.24 17.12 9.29
C TRP C 109 -50.71 15.78 8.74
N ILE C 110 -51.95 15.74 8.28
CA ILE C 110 -52.59 14.53 7.79
C ILE C 110 -53.20 14.84 6.43
N MET C 111 -52.67 14.21 5.39
CA MET C 111 -53.19 14.38 4.03
C MET C 111 -54.39 13.45 3.84
N PRO C 112 -55.34 13.84 2.97
CA PRO C 112 -56.47 12.93 2.66
C PRO C 112 -55.93 11.61 2.13
N GLY C 113 -56.56 10.52 2.55
CA GLY C 113 -56.01 9.20 2.27
C GLY C 113 -56.12 8.32 3.48
N THR C 114 -55.74 7.06 3.33
CA THR C 114 -55.78 6.15 4.45
C THR C 114 -54.64 6.43 5.41
N ILE C 115 -54.63 5.71 6.53
CA ILE C 115 -53.55 5.82 7.47
C ILE C 115 -52.29 5.32 6.79
N LYS C 116 -52.41 4.21 6.08
CA LYS C 116 -51.27 3.62 5.39
C LYS C 116 -50.71 4.58 4.34
N GLU C 117 -51.59 5.25 3.60
CA GLU C 117 -51.13 6.19 2.58
C GLU C 117 -50.45 7.40 3.20
N ASN C 118 -50.90 7.80 4.38
CA ASN C 118 -50.25 8.90 5.09
C ASN C 118 -48.85 8.57 5.58
N ILE C 119 -48.63 7.30 5.92
CA ILE C 119 -47.34 6.87 6.43
C ILE C 119 -46.35 6.66 5.29
N ILE C 120 -46.87 6.17 4.18
CA ILE C 120 -46.05 5.68 3.06
C ILE C 120 -45.88 6.82 2.04
N PHE C 121 -46.41 7.98 2.39
CA PHE C 121 -46.62 9.12 1.48
C PHE C 121 -45.45 9.43 0.53
N GLY C 122 -45.63 9.10 -0.75
CA GLY C 122 -44.66 9.48 -1.76
C GLY C 122 -43.38 8.66 -1.77
N VAL C 123 -43.42 7.50 -1.15
CA VAL C 123 -42.24 6.65 -1.02
C VAL C 123 -42.58 5.22 -1.42
N SER C 124 -41.61 4.53 -2.02
CA SER C 124 -41.83 3.16 -2.45
C SER C 124 -42.25 2.31 -1.26
N TYR C 125 -43.29 1.52 -1.46
CA TYR C 125 -43.78 0.63 -0.41
C TYR C 125 -42.82 -0.52 -0.15
N ASP C 126 -42.69 -0.90 1.11
CA ASP C 126 -41.82 -2.00 1.52
C ASP C 126 -42.43 -2.68 2.76
N GLU C 127 -43.14 -3.78 2.53
CA GLU C 127 -43.99 -4.39 3.56
C GLU C 127 -43.30 -4.60 4.90
N TYR C 128 -42.07 -5.11 4.86
CA TYR C 128 -41.34 -5.38 6.08
C TYR C 128 -41.03 -4.09 6.84
N ARG C 129 -40.56 -3.09 6.11
CA ARG C 129 -40.18 -1.82 6.71
C ARG C 129 -41.43 -1.10 7.25
N TYR C 130 -42.55 -1.23 6.53
CA TYR C 130 -43.81 -0.63 6.97
C TYR C 130 -44.35 -1.23 8.27
N LYS C 131 -44.42 -2.55 8.33
CA LYS C 131 -44.91 -3.22 9.53
C LYS C 131 -44.04 -2.89 10.74
N SER C 132 -42.73 -2.79 10.51
CA SER C 132 -41.79 -2.56 11.61
C SER C 132 -41.94 -1.14 12.16
N VAL C 133 -42.13 -0.16 11.28
CA VAL C 133 -42.40 1.19 11.71
C VAL C 133 -43.72 1.27 12.47
N VAL C 134 -44.77 0.68 11.90
CA VAL C 134 -46.11 0.73 12.49
C VAL C 134 -46.10 0.16 13.89
N LYS C 135 -45.36 -0.92 14.07
CA LYS C 135 -45.29 -1.59 15.36
C LYS C 135 -44.51 -0.72 16.35
N ALA C 136 -43.35 -0.24 15.92
CA ALA C 136 -42.47 0.52 16.79
C ALA C 136 -43.14 1.85 17.19
N CYS C 137 -43.90 2.46 16.29
CA CYS C 137 -44.60 3.69 16.60
C CYS C 137 -45.90 3.47 17.37
N GLN C 138 -46.13 2.23 17.79
CA GLN C 138 -47.24 1.90 18.67
C GLN C 138 -48.58 2.23 18.02
N LEU C 139 -48.65 1.99 16.71
CA LEU C 139 -49.87 2.30 15.97
C LEU C 139 -50.81 1.11 15.87
N GLN C 140 -50.29 -0.08 16.16
CA GLN C 140 -51.07 -1.31 16.01
C GLN C 140 -52.26 -1.28 16.94
N GLN C 141 -52.06 -0.74 18.14
CA GLN C 141 -53.10 -0.57 19.13
C GLN C 141 -54.16 0.41 18.65
N ASP C 142 -53.77 1.31 17.76
CA ASP C 142 -54.72 2.28 17.22
C ASP C 142 -55.52 1.67 16.08
N ILE C 143 -54.84 1.15 15.06
CA ILE C 143 -55.52 0.72 13.84
C ILE C 143 -56.43 -0.47 14.10
N THR C 144 -56.10 -1.27 15.11
CA THR C 144 -56.94 -2.39 15.51
C THR C 144 -58.33 -1.97 16.03
N LYS C 145 -58.46 -0.72 16.46
CA LYS C 145 -59.75 -0.18 16.91
C LYS C 145 -60.66 0.12 15.73
N PHE C 146 -60.13 0.05 14.51
CA PHE C 146 -60.88 0.46 13.32
C PHE C 146 -61.32 -0.71 12.41
N ALA C 147 -62.53 -0.60 11.88
CA ALA C 147 -63.05 -1.64 10.98
C ALA C 147 -62.03 -2.01 9.90
N GLU C 148 -61.49 -1.00 9.21
CA GLU C 148 -60.58 -1.22 8.08
C GLU C 148 -59.13 -0.99 8.47
N GLN C 149 -58.86 -0.99 9.78
CA GLN C 149 -57.51 -0.87 10.31
C GLN C 149 -56.73 0.24 9.59
N ASP C 150 -55.53 -0.06 9.09
CA ASP C 150 -54.74 1.00 8.45
C ASP C 150 -55.15 1.37 7.01
N ASN C 151 -56.26 0.82 6.54
CA ASN C 151 -56.88 1.31 5.31
C ASN C 151 -58.04 2.24 5.63
N THR C 152 -58.16 2.62 6.90
CA THR C 152 -59.15 3.61 7.31
C THR C 152 -58.81 4.92 6.60
N VAL C 153 -59.84 5.53 6.00
CA VAL C 153 -59.69 6.78 5.29
C VAL C 153 -59.76 7.94 6.28
N LEU C 154 -58.80 8.86 6.18
CA LEU C 154 -58.80 10.06 6.99
C LEU C 154 -59.09 11.31 6.15
N GLY C 155 -59.84 12.25 6.70
CA GLY C 155 -59.95 13.58 6.11
C GLY C 155 -58.80 14.49 6.49
N GLU C 156 -58.61 15.57 5.72
CA GLU C 156 -57.51 16.50 5.96
C GLU C 156 -57.48 16.89 7.45
N GLY C 157 -56.28 16.91 8.01
CA GLY C 157 -56.11 17.22 9.42
C GLY C 157 -56.45 16.07 10.36
N GLY C 158 -57.01 14.99 9.83
CA GLY C 158 -57.34 13.81 10.63
C GLY C 158 -58.02 14.18 11.94
N VAL C 159 -59.11 14.91 11.82
CA VAL C 159 -59.62 15.76 12.87
C VAL C 159 -60.27 15.02 14.06
N THR C 160 -60.82 13.83 13.83
CA THR C 160 -61.46 13.08 14.90
C THR C 160 -60.50 12.18 15.68
N LEU C 161 -59.26 12.10 15.21
CA LEU C 161 -58.21 11.33 15.89
C LEU C 161 -57.79 12.08 17.14
N SER C 162 -57.13 11.40 18.07
CA SER C 162 -56.50 12.12 19.18
C SER C 162 -55.23 12.83 18.70
N GLY C 163 -54.72 13.73 19.52
CA GLY C 163 -53.46 14.38 19.20
C GLY C 163 -52.30 13.40 19.15
N GLY C 164 -52.29 12.44 20.08
CA GLY C 164 -51.21 11.47 20.09
C GLY C 164 -51.28 10.61 18.84
N GLN C 165 -52.47 10.24 18.43
CA GLN C 165 -52.63 9.46 17.22
C GLN C 165 -52.09 10.18 15.99
N ARG C 166 -52.40 11.47 15.86
CA ARG C 166 -51.89 12.23 14.73
C ARG C 166 -50.36 12.30 14.79
N ALA C 167 -49.83 12.54 15.99
CA ALA C 167 -48.39 12.56 16.20
C ALA C 167 -47.74 11.25 15.80
N ARG C 168 -48.30 10.12 16.23
CA ARG C 168 -47.72 8.80 15.93
C ARG C 168 -47.73 8.50 14.44
N ILE C 169 -48.82 8.83 13.75
CA ILE C 169 -48.89 8.68 12.30
C ILE C 169 -47.83 9.57 11.64
N SER C 170 -47.68 10.79 12.14
CA SER C 170 -46.77 11.75 11.55
C SER C 170 -45.32 11.37 11.86
N LEU C 171 -45.12 10.69 12.99
CA LEU C 171 -43.81 10.14 13.33
C LEU C 171 -43.51 8.98 12.39
N ALA C 172 -44.45 8.04 12.25
CA ALA C 172 -44.21 6.88 11.41
C ALA C 172 -43.88 7.32 9.99
N ARG C 173 -44.53 8.37 9.50
CA ARG C 173 -44.24 8.90 8.18
C ARG C 173 -42.77 9.31 8.08
N ALA C 174 -42.31 10.15 8.99
CA ALA C 174 -40.94 10.64 8.95
C ALA C 174 -39.91 9.51 9.11
N VAL C 175 -40.26 8.50 9.90
CA VAL C 175 -39.35 7.40 10.19
C VAL C 175 -39.35 6.36 9.07
N TYR C 176 -40.50 6.19 8.42
CA TYR C 176 -40.58 5.31 7.28
C TYR C 176 -39.75 5.80 6.10
N LYS C 177 -39.67 7.11 5.93
CA LYS C 177 -38.80 7.65 4.91
C LYS C 177 -37.36 7.22 5.24
N ASP C 178 -36.62 6.80 4.22
CA ASP C 178 -35.22 6.41 4.42
C ASP C 178 -34.32 7.62 4.20
N ALA C 179 -33.69 8.09 5.27
CA ALA C 179 -32.93 9.32 5.19
C ALA C 179 -31.64 9.16 5.99
N ASP C 180 -30.73 10.13 5.85
CA ASP C 180 -29.49 10.10 6.60
C ASP C 180 -29.59 10.80 7.96
N LEU C 181 -30.50 11.76 8.05
CA LEU C 181 -30.65 12.53 9.28
C LEU C 181 -32.14 12.71 9.60
N TYR C 182 -32.53 12.35 10.82
CA TYR C 182 -33.92 12.49 11.26
C TYR C 182 -34.08 13.62 12.25
N LEU C 183 -34.97 14.56 11.92
CA LEU C 183 -35.26 15.70 12.78
C LEU C 183 -36.65 15.54 13.37
N LEU C 184 -36.70 15.34 14.69
CA LEU C 184 -37.96 15.05 15.39
C LEU C 184 -38.37 16.18 16.34
N ASP C 185 -39.28 17.04 15.89
CA ASP C 185 -39.65 18.22 16.69
C ASP C 185 -40.82 17.93 17.62
N SER C 186 -40.51 17.58 18.86
CA SER C 186 -41.49 17.55 19.95
C SER C 186 -42.63 16.57 19.74
N PRO C 187 -42.36 15.37 19.22
CA PRO C 187 -43.49 14.46 19.03
C PRO C 187 -44.13 14.04 20.35
N PHE C 188 -43.37 14.06 21.44
CA PHE C 188 -43.88 13.49 22.68
C PHE C 188 -44.42 14.56 23.63
N GLY C 189 -45.65 15.03 23.34
CA GLY C 189 -46.18 16.17 24.04
C GLY C 189 -47.65 16.06 24.44
N TYR C 190 -48.20 14.85 24.47
CA TYR C 190 -49.63 14.68 24.71
C TYR C 190 -49.96 13.98 26.01
N LEU C 191 -51.25 13.69 26.21
CA LEU C 191 -51.72 13.15 27.48
C LEU C 191 -51.40 11.68 27.69
N ASP C 192 -51.42 10.90 26.59
CA ASP C 192 -51.20 9.46 26.67
C ASP C 192 -49.71 9.18 26.79
N VAL C 193 -49.21 9.37 28.00
CA VAL C 193 -47.78 9.52 28.24
C VAL C 193 -47.06 8.18 28.27
N PHE C 194 -47.77 7.15 28.73
CA PHE C 194 -47.24 5.80 28.79
C PHE C 194 -46.97 5.22 27.40
N THR C 195 -47.90 5.43 26.48
CA THR C 195 -47.67 5.11 25.07
C THR C 195 -46.43 5.85 24.57
N GLU C 196 -46.33 7.13 24.91
CA GLU C 196 -45.21 7.95 24.46
C GLU C 196 -43.89 7.36 24.92
N GLU C 197 -43.88 6.80 26.12
CA GLU C 197 -42.70 6.13 26.67
C GLU C 197 -42.33 4.88 25.86
N GLN C 198 -43.31 4.08 25.47
CA GLN C 198 -43.05 2.90 24.64
C GLN C 198 -42.52 3.31 23.26
N VAL C 199 -43.10 4.36 22.68
CA VAL C 199 -42.69 4.84 21.37
C VAL C 199 -41.25 5.33 21.42
N PHE C 200 -40.91 6.05 22.48
CA PHE C 200 -39.55 6.56 22.58
C PHE C 200 -38.56 5.40 22.63
N GLU C 201 -38.89 4.38 23.41
CA GLU C 201 -38.04 3.21 23.53
C GLU C 201 -38.00 2.40 22.23
N SER C 202 -39.16 2.02 21.71
CA SER C 202 -39.20 1.12 20.57
C SER C 202 -38.79 1.78 19.26
N CYS C 203 -39.25 3.01 19.03
CA CYS C 203 -38.94 3.67 17.77
C CYS C 203 -37.60 4.39 17.83
N VAL C 204 -37.50 5.40 18.70
CA VAL C 204 -36.34 6.29 18.66
C VAL C 204 -35.06 5.60 19.15
N CYS C 205 -35.16 4.85 20.25
CA CYS C 205 -33.98 4.21 20.79
C CYS C 205 -33.58 2.93 20.06
N LYS C 206 -34.57 2.10 19.73
CA LYS C 206 -34.28 0.78 19.14
C LYS C 206 -34.36 0.72 17.63
N LEU C 207 -35.56 0.88 17.07
CA LEU C 207 -35.70 0.87 15.62
C LEU C 207 -34.72 1.84 14.94
N MET C 208 -34.50 3.01 15.55
CA MET C 208 -33.68 4.03 14.91
C MET C 208 -32.25 4.08 15.44
N ALA C 209 -31.82 2.99 16.07
CA ALA C 209 -30.54 2.95 16.78
C ALA C 209 -29.34 3.41 15.93
N ASN C 210 -29.37 3.10 14.64
CA ASN C 210 -28.27 3.43 13.73
C ASN C 210 -28.49 4.67 12.89
N LYS C 211 -29.65 5.31 13.01
CA LYS C 211 -29.88 6.55 12.27
C LYS C 211 -29.54 7.76 13.12
N THR C 212 -28.71 8.64 12.58
CA THR C 212 -28.44 9.92 13.23
C THR C 212 -29.76 10.68 13.37
N ARG C 213 -30.06 11.10 14.59
CA ARG C 213 -31.39 11.63 14.87
C ARG C 213 -31.36 12.73 15.93
N ILE C 214 -32.14 13.79 15.68
CA ILE C 214 -32.26 14.91 16.59
C ILE C 214 -33.69 15.00 17.10
N LEU C 215 -33.84 14.88 18.41
CA LEU C 215 -35.14 14.90 19.06
C LEU C 215 -35.29 16.15 19.90
N VAL C 216 -36.27 16.99 19.57
CA VAL C 216 -36.63 18.09 20.45
C VAL C 216 -37.65 17.57 21.46
N THR C 217 -37.43 17.90 22.72
CA THR C 217 -38.09 17.20 23.81
C THR C 217 -38.06 18.02 25.10
N SER C 218 -38.96 17.67 26.01
CA SER C 218 -38.98 18.27 27.34
C SER C 218 -39.01 17.15 28.38
N LYS C 219 -38.70 15.92 27.96
CA LYS C 219 -38.57 14.82 28.91
C LYS C 219 -37.13 14.53 29.29
N MET C 220 -36.88 14.35 30.59
CA MET C 220 -35.53 14.13 31.11
C MET C 220 -34.99 12.75 30.77
N GLU C 221 -35.88 11.77 30.66
CA GLU C 221 -35.49 10.44 30.23
C GLU C 221 -34.78 10.52 28.86
N HIS C 222 -35.19 11.48 28.03
CA HIS C 222 -34.65 11.56 26.68
C HIS C 222 -33.25 12.15 26.69
N LEU C 223 -32.99 13.05 27.63
CA LEU C 223 -31.65 13.57 27.83
C LEU C 223 -30.74 12.47 28.38
N ARG C 224 -31.29 11.65 29.25
CA ARG C 224 -30.56 10.59 29.91
C ARG C 224 -30.09 9.54 28.91
N LYS C 225 -30.97 9.18 27.98
CA LYS C 225 -30.68 8.14 26.99
C LYS C 225 -29.96 8.70 25.78
N ALA C 226 -29.77 10.01 25.76
CA ALA C 226 -29.19 10.67 24.58
C ALA C 226 -27.67 10.53 24.58
N ASP C 227 -27.08 10.59 23.40
CA ASP C 227 -25.63 10.59 23.28
C ASP C 227 -25.07 11.99 23.50
N LYS C 228 -25.77 12.99 22.99
CA LYS C 228 -25.40 14.38 23.22
C LYS C 228 -26.64 15.19 23.56
N ILE C 229 -26.44 16.30 24.26
CA ILE C 229 -27.52 17.13 24.73
C ILE C 229 -27.24 18.58 24.42
N LEU C 230 -28.22 19.26 23.85
CA LEU C 230 -28.12 20.69 23.61
C LEU C 230 -29.29 21.35 24.33
N ILE C 231 -28.99 22.21 25.30
CA ILE C 231 -30.05 22.96 25.98
C ILE C 231 -30.00 24.43 25.56
N LEU C 232 -31.14 24.93 25.08
CA LEU C 232 -31.23 26.27 24.51
C LEU C 232 -31.95 27.21 25.47
N HIS C 233 -31.47 28.45 25.55
CA HIS C 233 -32.18 29.51 26.24
C HIS C 233 -31.95 30.85 25.59
N GLN C 234 -33.03 31.45 25.11
CA GLN C 234 -33.00 32.80 24.54
C GLN C 234 -32.02 32.86 23.36
N GLY C 235 -32.04 31.83 22.53
CA GLY C 235 -31.29 31.85 21.28
C GLY C 235 -29.86 31.35 21.43
N SER C 236 -29.49 31.02 22.66
CA SER C 236 -28.10 30.74 22.98
C SER C 236 -27.94 29.36 23.65
N SER C 237 -26.77 28.76 23.51
CA SER C 237 -26.52 27.44 24.09
C SER C 237 -26.26 27.52 25.59
N TYR C 238 -27.22 27.07 26.39
CA TYR C 238 -27.05 27.01 27.84
C TYR C 238 -26.07 25.91 28.22
N PHE C 239 -26.14 24.79 27.51
CA PHE C 239 -25.26 23.66 27.74
C PHE C 239 -25.18 22.76 26.50
N TYR C 240 -23.99 22.24 26.22
CA TYR C 240 -23.82 21.20 25.22
C TYR C 240 -22.86 20.14 25.72
N GLY C 241 -23.22 18.88 25.54
CA GLY C 241 -22.40 17.81 26.06
C GLY C 241 -23.21 16.57 26.41
N THR C 242 -22.63 15.71 27.25
CA THR C 242 -23.29 14.45 27.60
C THR C 242 -24.06 14.62 28.89
N PHE C 243 -24.94 13.66 29.17
CA PHE C 243 -25.80 13.73 30.35
C PHE C 243 -24.96 13.78 31.62
N SER C 244 -23.84 13.04 31.61
CA SER C 244 -22.94 13.04 32.74
C SER C 244 -22.33 14.43 32.90
N GLU C 245 -21.83 14.99 31.80
CA GLU C 245 -21.31 16.35 31.82
C GLU C 245 -22.34 17.39 32.29
N LEU C 246 -23.62 17.10 32.07
CA LEU C 246 -24.69 18.00 32.49
C LEU C 246 -24.86 17.98 34.02
N GLN C 247 -24.72 16.80 34.61
CA GLN C 247 -24.89 16.63 36.04
C GLN C 247 -23.74 17.23 36.87
N SER C 248 -22.56 17.35 36.25
CA SER C 248 -21.39 17.88 36.94
C SER C 248 -21.07 19.33 36.56
N LEU C 249 -21.43 19.73 35.35
CA LEU C 249 -21.17 21.11 34.90
C LEU C 249 -22.36 22.05 35.06
N ARG C 250 -23.56 21.48 35.24
CA ARG C 250 -24.75 22.30 35.49
C ARG C 250 -25.53 21.70 36.65
N PRO C 251 -24.88 21.58 37.83
CA PRO C 251 -25.41 20.81 38.95
C PRO C 251 -26.66 21.42 39.56
N ASP C 252 -26.85 22.73 39.34
CA ASP C 252 -28.03 23.42 39.83
C ASP C 252 -29.26 23.07 38.98
N PHE C 253 -29.12 23.19 37.67
CA PHE C 253 -30.16 22.79 36.73
C PHE C 253 -30.51 21.31 36.92
N SER C 254 -29.48 20.47 36.99
CA SER C 254 -29.68 19.02 37.13
C SER C 254 -30.45 18.69 38.40
N SER C 255 -30.04 19.32 39.50
CA SER C 255 -30.62 19.03 40.80
C SER C 255 -32.10 19.39 40.83
N LYS C 256 -32.44 20.51 40.22
CA LYS C 256 -33.83 20.96 40.19
C LYS C 256 -34.72 19.99 39.42
N LEU C 257 -34.24 19.50 38.28
CA LEU C 257 -35.09 18.68 37.41
C LEU C 257 -35.09 17.19 37.70
N MET C 258 -34.13 16.74 38.51
CA MET C 258 -34.13 15.35 38.97
C MET C 258 -34.86 15.24 40.30
N GLY C 259 -35.08 16.38 40.94
CA GLY C 259 -35.81 16.40 42.19
C GLY C 259 -37.14 15.68 42.05
N TYR C 260 -37.90 16.02 41.02
CA TYR C 260 -39.21 15.43 40.79
C TYR C 260 -39.10 13.93 40.54
N ASP C 261 -40.09 13.18 40.99
CA ASP C 261 -40.08 11.73 40.80
C ASP C 261 -40.69 11.33 39.46
N THR C 262 -41.66 12.11 38.99
CA THR C 262 -42.33 11.79 37.74
C THR C 262 -42.48 13.02 36.84
N PHE C 263 -41.41 13.78 36.74
CA PHE C 263 -41.37 14.96 35.90
C PHE C 263 -41.85 14.66 34.48
N ASP C 264 -41.38 13.55 33.92
CA ASP C 264 -41.66 13.24 32.54
C ASP C 264 -43.13 12.94 32.30
N GLN C 265 -43.89 12.83 33.39
CA GLN C 265 -45.33 12.61 33.26
C GLN C 265 -46.22 13.81 33.58
N PHE C 266 -45.61 14.97 33.88
CA PHE C 266 -46.33 16.24 33.90
C PHE C 266 -46.80 16.53 32.48
N THR C 267 -47.71 17.49 32.33
CA THR C 267 -48.12 17.90 30.99
C THR C 267 -46.95 18.58 30.31
N GLU C 268 -46.99 18.63 28.98
CA GLU C 268 -45.95 19.32 28.23
C GLU C 268 -45.85 20.78 28.68
N GLU C 269 -46.98 21.37 29.04
CA GLU C 269 -47.01 22.75 29.49
C GLU C 269 -46.26 22.92 30.81
N ARG C 270 -46.50 22.03 31.76
CA ARG C 270 -45.84 22.12 33.06
C ARG C 270 -44.34 21.84 32.94
N ARG C 271 -43.98 20.85 32.12
CA ARG C 271 -42.57 20.52 31.90
C ARG C 271 -41.79 21.70 31.30
N SER C 272 -42.33 22.31 30.25
CA SER C 272 -41.67 23.43 29.61
C SER C 272 -41.61 24.63 30.54
N SER C 273 -42.60 24.73 31.40
CA SER C 273 -42.71 25.84 32.32
C SER C 273 -41.58 25.73 33.34
N ILE C 274 -41.40 24.53 33.87
CA ILE C 274 -40.38 24.26 34.87
C ILE C 274 -38.98 24.42 34.27
N LEU C 275 -38.81 23.94 33.05
CA LEU C 275 -37.53 24.13 32.37
C LEU C 275 -37.24 25.62 32.16
N THR C 276 -38.27 26.38 31.83
CA THR C 276 -38.11 27.81 31.52
C THR C 276 -37.73 28.59 32.78
N GLU C 277 -38.34 28.24 33.90
CA GLU C 277 -38.07 28.93 35.15
C GLU C 277 -36.71 28.55 35.73
N THR C 278 -36.26 27.32 35.48
CA THR C 278 -34.96 26.89 35.97
C THR C 278 -33.83 27.52 35.16
N LEU C 279 -34.05 27.69 33.86
CA LEU C 279 -33.04 28.25 32.98
C LEU C 279 -32.89 29.75 33.21
N ARG C 280 -34.02 30.43 33.42
CA ARG C 280 -34.00 31.85 33.77
C ARG C 280 -33.28 32.04 35.10
N ARG C 281 -33.55 31.14 36.04
CA ARG C 281 -32.99 31.23 37.38
C ARG C 281 -31.48 31.10 37.35
N PHE C 282 -30.97 30.09 36.64
CA PHE C 282 -29.56 29.81 36.64
C PHE C 282 -28.88 30.35 35.39
N SER C 283 -29.32 31.52 34.96
CA SER C 283 -28.67 32.31 33.93
C SER C 283 -28.74 31.70 32.53
N THR D 3 -0.95 3.10 -22.25
CA THR D 3 -0.01 1.99 -21.90
C THR D 3 1.08 1.80 -22.97
N GLY D 4 0.65 1.58 -24.21
CA GLY D 4 1.60 1.45 -25.31
C GLY D 4 1.60 2.73 -26.11
N ILE D 5 1.72 2.62 -27.43
CA ILE D 5 1.49 3.78 -28.27
C ILE D 5 0.51 3.44 -29.39
N ILE D 6 -0.42 4.36 -29.62
CA ILE D 6 -1.45 4.22 -30.65
C ILE D 6 -1.46 5.43 -31.58
N MET D 7 -1.46 5.17 -32.88
CA MET D 7 -1.77 6.21 -33.84
C MET D 7 -2.98 5.77 -34.68
N GLU D 8 -3.99 6.63 -34.75
CA GLU D 8 -5.17 6.35 -35.54
C GLU D 8 -5.33 7.39 -36.64
N ASN D 9 -5.38 6.89 -37.88
CA ASN D 9 -5.42 7.73 -39.07
C ASN D 9 -4.79 9.09 -38.83
N VAL D 10 -3.45 9.11 -38.72
CA VAL D 10 -2.72 10.33 -38.48
C VAL D 10 -2.12 10.90 -39.77
N THR D 11 -2.29 12.21 -39.95
CA THR D 11 -1.71 12.94 -41.06
C THR D 11 -1.09 14.23 -40.51
N ALA D 12 0.15 14.51 -40.90
CA ALA D 12 0.82 15.73 -40.45
C ALA D 12 1.43 16.48 -41.62
N PHE D 13 1.11 17.77 -41.73
CA PHE D 13 1.56 18.57 -42.85
C PHE D 13 2.89 19.27 -42.54
N TRP D 14 3.61 19.61 -43.60
CA TRP D 14 4.82 20.40 -43.49
C TRP D 14 4.52 21.73 -42.85
N GLU D 15 5.41 22.17 -41.97
CA GLU D 15 5.27 23.45 -41.30
C GLU D 15 6.59 24.20 -41.28
N GLU D 16 6.50 25.52 -41.20
CA GLU D 16 7.68 26.36 -41.13
C GLU D 16 8.56 25.90 -39.98
N GLY D 17 9.85 25.70 -40.27
CA GLY D 17 10.79 25.41 -39.21
C GLY D 17 11.01 23.93 -38.92
N PHE D 18 10.06 23.09 -39.33
CA PHE D 18 10.20 21.65 -39.12
C PHE D 18 11.36 21.11 -39.95
N GLY D 19 11.47 21.59 -41.18
CA GLY D 19 12.60 21.23 -42.02
C GLY D 19 13.91 21.69 -41.41
N GLU D 20 13.89 22.87 -40.81
CA GLU D 20 15.05 23.41 -40.11
C GLU D 20 15.41 22.57 -38.89
N LEU D 21 14.37 22.09 -38.18
CA LEU D 21 14.55 21.22 -37.03
C LEU D 21 15.34 19.97 -37.43
N LEU D 22 14.85 19.26 -38.44
CA LEU D 22 15.52 18.07 -38.98
C LEU D 22 16.90 18.44 -39.50
N GLU D 23 17.02 19.68 -39.97
CA GLU D 23 18.27 20.19 -40.56
C GLU D 23 19.29 20.44 -39.45
N LYS D 24 18.79 20.69 -38.25
CA LYS D 24 19.63 20.86 -37.07
C LYS D 24 20.15 19.51 -36.56
N VAL D 25 19.60 18.43 -37.10
CA VAL D 25 20.03 17.07 -36.78
C VAL D 25 20.88 16.49 -37.92
N PHE D 43 12.19 24.15 -48.08
CA PHE D 43 11.07 23.69 -47.19
C PHE D 43 9.87 24.60 -47.34
N SER D 44 10.11 25.84 -47.75
CA SER D 44 9.03 26.83 -47.84
C SER D 44 7.98 26.43 -48.85
N HIS D 45 8.41 25.75 -49.92
CA HIS D 45 7.51 25.35 -50.98
C HIS D 45 6.58 24.21 -50.57
N LEU D 46 7.10 23.30 -49.75
CA LEU D 46 6.31 22.20 -49.21
C LEU D 46 5.21 22.71 -48.29
N CYS D 47 5.50 23.78 -47.53
CA CYS D 47 4.52 24.40 -46.65
C CYS D 47 3.51 25.20 -47.47
N LEU D 48 4.02 25.94 -48.44
CA LEU D 48 3.21 26.82 -49.27
C LEU D 48 2.09 26.03 -49.96
N VAL D 49 2.48 25.07 -50.79
CA VAL D 49 1.51 24.24 -51.51
C VAL D 49 0.55 23.51 -50.56
N GLY D 50 1.07 23.11 -49.39
CA GLY D 50 0.24 22.46 -48.39
C GLY D 50 0.37 20.94 -48.39
N ASN D 51 1.60 20.45 -48.27
CA ASN D 51 1.87 19.03 -48.47
C ASN D 51 2.13 18.26 -47.17
N PRO D 52 1.63 17.02 -47.07
CA PRO D 52 1.86 16.14 -45.91
C PRO D 52 3.28 15.61 -45.83
N VAL D 53 3.80 15.52 -44.61
CA VAL D 53 5.06 14.80 -44.38
C VAL D 53 4.71 13.35 -44.11
N LEU D 54 3.58 13.13 -43.43
CA LEU D 54 3.09 11.78 -43.17
C LEU D 54 1.58 11.74 -43.38
N LYS D 55 1.10 10.63 -43.94
CA LYS D 55 -0.28 10.56 -44.38
C LYS D 55 -0.95 9.26 -43.93
N ASN D 56 -2.05 9.39 -43.19
CA ASN D 56 -2.90 8.26 -42.83
C ASN D 56 -2.15 7.17 -42.07
N ILE D 57 -1.37 7.57 -41.08
CA ILE D 57 -0.53 6.63 -40.36
C ILE D 57 -1.32 5.90 -39.28
N ASN D 58 -1.23 4.58 -39.27
CA ASN D 58 -1.89 3.79 -38.23
C ASN D 58 -0.92 2.82 -37.58
N LEU D 59 -0.86 2.83 -36.25
CA LEU D 59 -0.13 1.82 -35.51
C LEU D 59 -0.68 1.62 -34.09
N ASN D 60 -0.66 0.37 -33.64
CA ASN D 60 -1.10 0.03 -32.31
C ASN D 60 -0.07 -0.88 -31.65
N ILE D 61 0.66 -0.33 -30.68
CA ILE D 61 1.76 -1.06 -30.05
C ILE D 61 1.50 -1.22 -28.56
N GLU D 62 1.39 -2.46 -28.12
CA GLU D 62 1.17 -2.76 -26.70
C GLU D 62 2.44 -2.58 -25.88
N LYS D 63 2.26 -2.34 -24.60
CA LYS D 63 3.39 -2.14 -23.69
C LYS D 63 4.34 -3.33 -23.78
N GLY D 64 5.64 -3.04 -23.83
CA GLY D 64 6.62 -4.09 -23.89
C GLY D 64 6.90 -4.66 -25.27
N GLU D 65 6.18 -4.18 -26.28
CA GLU D 65 6.40 -4.62 -27.66
C GLU D 65 7.47 -3.79 -28.38
N MET D 66 8.00 -4.33 -29.48
CA MET D 66 8.83 -3.55 -30.35
C MET D 66 8.26 -3.38 -31.75
N LEU D 67 8.23 -2.12 -32.19
CA LEU D 67 7.85 -1.76 -33.55
C LEU D 67 9.14 -1.49 -34.32
N ALA D 68 9.34 -2.21 -35.42
CA ALA D 68 10.42 -1.90 -36.34
C ALA D 68 9.86 -1.02 -37.46
N ILE D 69 10.49 0.12 -37.70
CA ILE D 69 10.09 1.01 -38.78
C ILE D 69 11.18 1.09 -39.85
N THR D 70 10.83 0.66 -41.06
CA THR D 70 11.73 0.84 -42.20
C THR D 70 10.98 1.49 -43.37
N GLY D 71 11.64 1.59 -44.52
CA GLY D 71 11.03 2.22 -45.68
C GLY D 71 12.10 2.79 -46.59
N SER D 72 11.69 3.45 -47.66
CA SER D 72 12.65 4.07 -48.55
C SER D 72 13.29 5.27 -47.86
N THR D 73 14.40 5.76 -48.40
CA THR D 73 15.05 6.90 -47.81
C THR D 73 14.16 8.13 -47.97
N GLY D 74 14.12 8.98 -46.95
CA GLY D 74 13.24 10.13 -46.99
C GLY D 74 11.76 9.76 -47.03
N SER D 75 11.38 8.61 -46.47
CA SER D 75 9.97 8.26 -46.39
C SER D 75 9.28 8.80 -45.14
N GLY D 76 10.01 9.59 -44.35
CA GLY D 76 9.41 10.23 -43.20
C GLY D 76 9.61 9.47 -41.90
N LYS D 77 10.50 8.48 -41.92
CA LYS D 77 10.76 7.64 -40.75
C LYS D 77 11.07 8.47 -39.50
N THR D 78 12.06 9.35 -39.58
CA THR D 78 12.40 10.24 -38.48
C THR D 78 11.22 11.14 -38.09
N SER D 79 10.53 11.68 -39.10
CA SER D 79 9.42 12.60 -38.85
C SER D 79 8.35 11.94 -37.99
N LEU D 80 8.19 10.63 -38.16
CA LEU D 80 7.25 9.88 -37.35
C LEU D 80 7.67 9.94 -35.88
N LEU D 81 8.97 9.81 -35.64
CA LEU D 81 9.50 9.90 -34.29
C LEU D 81 9.33 11.33 -33.74
N MET D 82 9.57 12.33 -34.58
CA MET D 82 9.35 13.72 -34.17
C MET D 82 7.90 13.92 -33.76
N LEU D 83 7.00 13.31 -34.53
CA LEU D 83 5.58 13.34 -34.23
C LEU D 83 5.31 12.83 -32.82
N ILE D 84 6.01 11.76 -32.43
CA ILE D 84 5.81 11.15 -31.11
C ILE D 84 6.44 12.03 -30.03
N LEU D 85 7.49 12.75 -30.40
CA LEU D 85 8.15 13.64 -29.47
C LEU D 85 7.41 14.97 -29.34
N GLY D 86 6.36 15.14 -30.15
CA GLY D 86 5.59 16.36 -30.10
C GLY D 86 6.21 17.52 -30.85
N GLU D 87 7.25 17.24 -31.63
CA GLU D 87 7.93 18.29 -32.40
C GLU D 87 7.20 18.53 -33.73
N LEU D 88 6.48 17.52 -34.19
CA LEU D 88 5.64 17.65 -35.37
C LEU D 88 4.20 17.45 -34.93
N GLU D 89 3.32 18.38 -35.30
CA GLU D 89 1.92 18.31 -34.88
C GLU D 89 1.11 17.42 -35.81
N ALA D 90 0.16 16.69 -35.24
CA ALA D 90 -0.71 15.82 -36.03
C ALA D 90 -1.96 16.58 -36.45
N SER D 91 -2.02 16.95 -37.73
CA SER D 91 -3.14 17.73 -38.25
C SER D 91 -4.45 16.94 -38.25
N GLU D 92 -4.37 15.67 -38.61
CA GLU D 92 -5.53 14.79 -38.54
C GLU D 92 -5.21 13.59 -37.66
N GLY D 93 -6.24 12.95 -37.13
CA GLY D 93 -6.05 11.73 -36.35
C GLY D 93 -5.64 11.98 -34.92
N ILE D 94 -5.51 10.89 -34.16
CA ILE D 94 -5.09 11.00 -32.77
C ILE D 94 -3.89 10.08 -32.48
N ILE D 95 -2.92 10.61 -31.76
CA ILE D 95 -1.83 9.80 -31.22
C ILE D 95 -1.97 9.68 -29.70
N LYS D 96 -2.05 8.46 -29.22
CA LYS D 96 -2.25 8.20 -27.80
C LYS D 96 -1.05 7.45 -27.20
N HIS D 97 -0.33 8.14 -26.33
CA HIS D 97 0.66 7.46 -25.49
C HIS D 97 0.93 8.35 -24.28
N SER D 98 1.15 7.73 -23.14
CA SER D 98 1.51 8.48 -21.94
C SER D 98 2.81 7.96 -21.37
N GLY D 99 3.61 8.87 -20.83
CA GLY D 99 4.84 8.46 -20.19
C GLY D 99 6.05 9.20 -20.71
N ARG D 100 7.16 9.03 -20.02
CA ARG D 100 8.44 9.58 -20.45
C ARG D 100 8.85 8.83 -21.70
N VAL D 101 9.49 9.52 -22.63
CA VAL D 101 10.07 8.83 -23.77
C VAL D 101 11.56 9.13 -23.84
N SER D 102 12.33 8.11 -24.21
CA SER D 102 13.75 8.30 -24.44
C SER D 102 14.04 8.20 -25.94
N PHE D 103 14.79 9.17 -26.44
CA PHE D 103 15.04 9.30 -27.88
C PHE D 103 16.54 9.25 -28.17
N CYS D 104 16.92 8.26 -28.97
CA CYS D 104 18.29 8.14 -29.45
C CYS D 104 18.32 8.52 -30.92
N SER D 105 18.87 9.70 -31.22
CA SER D 105 18.77 10.26 -32.56
C SER D 105 19.71 9.65 -33.57
N GLN D 106 19.38 9.84 -34.84
CA GLN D 106 20.15 9.31 -35.95
C GLN D 106 21.57 9.87 -35.88
N PHE D 107 21.68 11.17 -35.66
CA PHE D 107 22.98 11.80 -35.42
C PHE D 107 23.44 11.54 -33.99
N SER D 108 24.62 10.93 -33.85
CA SER D 108 25.16 10.58 -32.53
C SER D 108 25.96 11.72 -31.92
N TRP D 109 25.34 12.48 -31.03
CA TRP D 109 25.99 13.64 -30.43
C TRP D 109 26.72 13.30 -29.13
N ILE D 110 27.90 13.88 -28.97
CA ILE D 110 28.74 13.62 -27.81
C ILE D 110 29.05 14.94 -27.14
N MET D 111 28.75 15.04 -25.85
CA MET D 111 29.04 16.25 -25.10
C MET D 111 30.45 16.20 -24.52
N PRO D 112 31.06 17.37 -24.26
CA PRO D 112 32.33 17.38 -23.54
C PRO D 112 32.22 16.68 -22.18
N GLY D 113 33.18 15.81 -21.89
CA GLY D 113 33.11 15.02 -20.67
C GLY D 113 33.55 13.59 -20.89
N THR D 114 33.52 12.80 -19.82
CA THR D 114 33.92 11.40 -19.91
C THR D 114 32.86 10.57 -20.64
N ILE D 115 33.23 9.36 -21.01
CA ILE D 115 32.28 8.43 -21.58
C ILE D 115 31.12 8.18 -20.62
N LYS D 116 31.44 7.99 -19.34
CA LYS D 116 30.39 7.76 -18.34
C LYS D 116 29.49 8.97 -18.23
N GLU D 117 30.08 10.17 -18.18
CA GLU D 117 29.28 11.37 -18.10
C GLU D 117 28.37 11.51 -19.30
N ASN D 118 28.85 11.09 -20.47
CA ASN D 118 28.01 11.13 -21.66
C ASN D 118 26.85 10.16 -21.60
N ILE D 119 27.06 9.01 -20.96
CA ILE D 119 26.03 7.98 -20.90
C ILE D 119 25.00 8.30 -19.82
N ILE D 120 25.48 8.79 -18.68
CA ILE D 120 24.63 9.17 -17.56
C ILE D 120 23.90 10.48 -17.82
N PHE D 121 24.61 11.43 -18.42
CA PHE D 121 24.09 12.72 -18.83
C PHE D 121 22.92 13.26 -18.01
N GLY D 122 23.20 13.72 -16.80
CA GLY D 122 22.20 14.43 -16.04
C GLY D 122 21.22 13.56 -15.29
N VAL D 123 21.28 12.24 -15.49
CA VAL D 123 20.43 11.32 -14.76
C VAL D 123 21.20 10.78 -13.55
N SER D 124 20.46 10.43 -12.49
CA SER D 124 21.09 10.00 -11.25
C SER D 124 21.86 8.71 -11.48
N TYR D 125 23.06 8.63 -10.93
CA TYR D 125 23.93 7.50 -11.19
C TYR D 125 23.50 6.26 -10.42
N ASP D 126 23.64 5.11 -11.06
CA ASP D 126 23.17 3.85 -10.50
C ASP D 126 24.11 2.75 -11.01
N GLU D 127 25.01 2.31 -10.15
CA GLU D 127 26.15 1.50 -10.56
C GLU D 127 25.75 0.25 -11.35
N TYR D 128 24.82 -0.54 -10.82
CA TYR D 128 24.49 -1.81 -11.45
C TYR D 128 23.78 -1.59 -12.80
N ARG D 129 22.98 -0.53 -12.88
CA ARG D 129 22.25 -0.23 -14.11
C ARG D 129 23.22 0.25 -15.19
N TYR D 130 24.10 1.16 -14.83
CA TYR D 130 25.12 1.64 -15.74
C TYR D 130 25.91 0.47 -16.30
N LYS D 131 26.48 -0.35 -15.41
CA LYS D 131 27.29 -1.48 -15.83
C LYS D 131 26.53 -2.41 -16.76
N SER D 132 25.25 -2.62 -16.47
CA SER D 132 24.47 -3.57 -17.23
C SER D 132 24.11 -2.98 -18.61
N VAL D 133 23.88 -1.67 -18.67
CA VAL D 133 23.63 -1.01 -19.93
C VAL D 133 24.89 -0.97 -20.80
N VAL D 134 26.04 -0.67 -20.18
CA VAL D 134 27.28 -0.63 -20.92
C VAL D 134 27.63 -1.98 -21.53
N LYS D 135 27.31 -3.05 -20.79
CA LYS D 135 27.65 -4.39 -21.26
C LYS D 135 26.76 -4.77 -22.43
N ALA D 136 25.46 -4.49 -22.29
CA ALA D 136 24.48 -4.90 -23.30
C ALA D 136 24.68 -4.13 -24.61
N CYS D 137 25.12 -2.87 -24.51
CA CYS D 137 25.42 -2.05 -25.68
C CYS D 137 26.83 -2.30 -26.23
N GLN D 138 27.45 -3.39 -25.77
CA GLN D 138 28.73 -3.82 -26.30
C GLN D 138 29.77 -2.72 -26.25
N LEU D 139 29.80 -2.00 -25.13
CA LEU D 139 30.71 -0.87 -25.00
C LEU D 139 31.94 -1.23 -24.16
N GLN D 140 31.88 -2.38 -23.49
CA GLN D 140 32.99 -2.76 -22.62
C GLN D 140 34.21 -3.13 -23.48
N GLN D 141 33.95 -3.72 -24.64
CA GLN D 141 35.00 -4.00 -25.62
C GLN D 141 35.72 -2.71 -26.01
N ASP D 142 35.00 -1.60 -26.00
CA ASP D 142 35.58 -0.31 -26.37
C ASP D 142 36.37 0.33 -25.24
N ILE D 143 35.74 0.51 -24.08
CA ILE D 143 36.35 1.29 -23.02
C ILE D 143 37.57 0.54 -22.45
N THR D 144 37.61 -0.77 -22.64
CA THR D 144 38.73 -1.58 -22.19
C THR D 144 39.99 -1.31 -23.03
N LYS D 145 39.83 -0.61 -24.14
CA LYS D 145 40.97 -0.22 -24.98
C LYS D 145 41.66 1.04 -24.46
N PHE D 146 41.00 1.77 -23.56
CA PHE D 146 41.48 3.07 -23.13
C PHE D 146 42.08 2.96 -21.74
N ALA D 147 43.11 3.76 -21.45
CA ALA D 147 43.81 3.66 -20.17
C ALA D 147 42.90 3.98 -18.97
N GLU D 148 42.01 4.95 -19.14
CA GLU D 148 41.14 5.39 -18.05
C GLU D 148 39.73 4.92 -18.30
N GLN D 149 39.59 3.99 -19.24
CA GLN D 149 38.32 3.35 -19.54
C GLN D 149 37.14 4.30 -19.50
N ASP D 150 36.15 3.94 -18.69
CA ASP D 150 34.94 4.73 -18.46
C ASP D 150 35.18 6.23 -18.27
N ASN D 151 36.35 6.59 -17.76
CA ASN D 151 36.62 7.96 -17.38
C ASN D 151 37.40 8.73 -18.43
N THR D 152 37.64 8.07 -19.56
CA THR D 152 38.26 8.72 -20.69
C THR D 152 37.45 9.95 -21.08
N VAL D 153 38.16 11.06 -21.28
CA VAL D 153 37.54 12.34 -21.59
C VAL D 153 37.37 12.44 -23.10
N LEU D 154 36.17 12.79 -23.53
CA LEU D 154 35.89 13.05 -24.95
C LEU D 154 35.70 14.56 -25.16
N GLY D 155 36.13 15.05 -26.32
CA GLY D 155 35.70 16.37 -26.77
C GLY D 155 34.34 16.35 -27.47
N GLU D 156 33.75 17.52 -27.67
CA GLU D 156 32.46 17.63 -28.35
C GLU D 156 32.52 16.91 -29.70
N GLY D 157 31.51 16.09 -29.97
CA GLY D 157 31.50 15.35 -31.23
C GLY D 157 32.23 14.02 -31.15
N GLY D 158 33.04 13.82 -30.10
CA GLY D 158 33.75 12.55 -29.94
C GLY D 158 34.44 12.12 -31.22
N VAL D 159 35.25 13.04 -31.75
CA VAL D 159 35.63 13.05 -33.16
C VAL D 159 36.63 11.96 -33.56
N THR D 160 37.45 11.49 -32.61
CA THR D 160 38.46 10.48 -32.92
C THR D 160 37.90 9.07 -32.69
N LEU D 161 36.68 9.01 -32.18
CA LEU D 161 35.99 7.74 -32.04
C LEU D 161 35.52 7.30 -33.44
N SER D 162 35.13 6.04 -33.56
CA SER D 162 34.47 5.57 -34.78
C SER D 162 32.97 5.87 -34.71
N GLY D 163 32.30 5.82 -35.87
CA GLY D 163 30.87 6.05 -35.89
C GLY D 163 30.11 5.05 -35.04
N GLY D 164 30.58 3.79 -35.04
CA GLY D 164 29.93 2.77 -34.22
C GLY D 164 30.10 3.04 -32.74
N GLN D 165 31.26 3.54 -32.35
CA GLN D 165 31.52 3.87 -30.95
C GLN D 165 30.62 4.99 -30.46
N ARG D 166 30.47 6.03 -31.27
CA ARG D 166 29.61 7.15 -30.93
C ARG D 166 28.15 6.72 -30.85
N ALA D 167 27.77 5.80 -31.72
CA ALA D 167 26.39 5.32 -31.72
C ALA D 167 26.09 4.44 -30.50
N ARG D 168 27.06 3.64 -30.08
CA ARG D 168 26.85 2.76 -28.94
C ARG D 168 26.82 3.58 -27.65
N ILE D 169 27.62 4.63 -27.61
CA ILE D 169 27.56 5.57 -26.49
C ILE D 169 26.22 6.30 -26.48
N SER D 170 25.76 6.69 -27.66
CA SER D 170 24.48 7.36 -27.79
C SER D 170 23.30 6.42 -27.49
N LEU D 171 23.40 5.16 -27.93
CA LEU D 171 22.39 4.14 -27.59
C LEU D 171 22.34 3.95 -26.06
N ALA D 172 23.50 3.74 -25.44
CA ALA D 172 23.56 3.52 -24.00
C ALA D 172 22.94 4.69 -23.24
N ARG D 173 23.19 5.92 -23.70
CA ARG D 173 22.62 7.09 -23.05
C ARG D 173 21.09 7.01 -23.04
N ALA D 174 20.51 6.59 -24.17
CA ALA D 174 19.06 6.51 -24.32
C ALA D 174 18.46 5.33 -23.56
N VAL D 175 19.20 4.23 -23.49
CA VAL D 175 18.72 3.02 -22.82
C VAL D 175 18.89 3.14 -21.29
N TYR D 176 19.90 3.88 -20.87
CA TYR D 176 20.12 4.12 -19.45
C TYR D 176 19.02 4.97 -18.83
N LYS D 177 18.47 5.89 -19.60
CA LYS D 177 17.38 6.73 -19.10
C LYS D 177 16.19 5.81 -18.87
N ASP D 178 15.51 6.00 -17.74
CA ASP D 178 14.32 5.21 -17.45
C ASP D 178 13.09 5.89 -18.08
N ALA D 179 12.44 5.17 -18.98
CA ALA D 179 11.35 5.75 -19.78
C ALA D 179 10.32 4.69 -20.12
N ASP D 180 9.14 5.11 -20.56
CA ASP D 180 8.11 4.16 -20.94
C ASP D 180 8.23 3.74 -22.39
N LEU D 181 8.75 4.64 -23.21
CA LEU D 181 8.86 4.41 -24.65
C LEU D 181 10.22 4.86 -25.14
N TYR D 182 10.91 3.94 -25.82
CA TYR D 182 12.26 4.21 -26.32
C TYR D 182 12.26 4.37 -27.83
N LEU D 183 12.78 5.49 -28.30
CA LEU D 183 12.81 5.81 -29.73
C LEU D 183 14.24 5.73 -30.24
N LEU D 184 14.53 4.65 -30.97
CA LEU D 184 15.88 4.39 -31.45
C LEU D 184 15.93 4.60 -32.96
N ASP D 185 16.51 5.71 -33.38
CA ASP D 185 16.57 6.06 -34.80
C ASP D 185 17.87 5.61 -35.47
N SER D 186 17.83 4.46 -36.11
CA SER D 186 18.88 4.07 -37.04
C SER D 186 20.27 3.93 -36.40
N PRO D 187 20.34 3.37 -35.18
CA PRO D 187 21.66 3.18 -34.57
C PRO D 187 22.56 2.24 -35.38
N PHE D 188 21.96 1.26 -36.05
CA PHE D 188 22.74 0.18 -36.66
C PHE D 188 23.02 0.43 -38.14
N GLY D 189 23.98 1.31 -38.40
CA GLY D 189 24.19 1.76 -39.75
C GLY D 189 25.65 1.88 -40.14
N TYR D 190 26.53 1.26 -39.35
CA TYR D 190 27.97 1.39 -39.59
C TYR D 190 28.62 0.11 -40.05
N LEU D 191 29.94 0.15 -40.21
CA LEU D 191 30.68 -0.95 -40.80
C LEU D 191 30.87 -2.13 -39.87
N ASP D 192 31.08 -1.88 -38.58
CA ASP D 192 31.31 -2.97 -37.63
C ASP D 192 30.03 -3.77 -37.39
N VAL D 193 29.72 -4.61 -38.36
CA VAL D 193 28.38 -5.13 -38.52
C VAL D 193 28.12 -6.29 -37.52
N PHE D 194 29.18 -7.02 -37.17
CA PHE D 194 29.08 -8.10 -36.21
C PHE D 194 28.78 -7.58 -34.80
N THR D 195 29.47 -6.50 -34.42
CA THR D 195 29.13 -5.79 -33.20
C THR D 195 27.66 -5.35 -33.20
N GLU D 196 27.20 -4.80 -34.32
CA GLU D 196 25.84 -4.31 -34.41
C GLU D 196 24.81 -5.41 -34.18
N GLU D 197 25.14 -6.62 -34.61
CA GLU D 197 24.29 -7.78 -34.36
C GLU D 197 24.29 -8.20 -32.89
N GLN D 198 25.45 -8.19 -32.23
CA GLN D 198 25.50 -8.43 -30.78
C GLN D 198 24.66 -7.39 -30.03
N VAL D 199 24.76 -6.12 -30.45
CA VAL D 199 24.04 -5.05 -29.76
C VAL D 199 22.54 -5.22 -29.93
N PHE D 200 22.13 -5.54 -31.14
CA PHE D 200 20.70 -5.70 -31.41
C PHE D 200 20.15 -6.81 -30.54
N GLU D 201 20.89 -7.92 -30.46
CA GLU D 201 20.47 -9.07 -29.69
C GLU D 201 20.56 -8.85 -28.16
N SER D 202 21.67 -8.29 -27.69
CA SER D 202 21.90 -8.18 -26.25
C SER D 202 21.15 -7.01 -25.62
N CYS D 203 21.11 -5.89 -26.32
CA CYS D 203 20.45 -4.71 -25.80
C CYS D 203 18.97 -4.61 -26.20
N VAL D 204 18.68 -4.68 -27.50
CA VAL D 204 17.33 -4.37 -27.96
C VAL D 204 16.38 -5.54 -27.74
N CYS D 205 16.85 -6.76 -28.00
CA CYS D 205 16.00 -7.93 -27.83
C CYS D 205 15.99 -8.53 -26.42
N LYS D 206 17.13 -8.52 -25.73
CA LYS D 206 17.19 -9.17 -24.42
C LYS D 206 17.05 -8.20 -23.25
N LEU D 207 18.00 -7.30 -23.07
CA LEU D 207 17.90 -6.31 -22.00
C LEU D 207 16.56 -5.56 -22.02
N MET D 208 16.11 -5.14 -23.20
CA MET D 208 14.91 -4.32 -23.33
C MET D 208 13.67 -5.14 -23.70
N ALA D 209 13.76 -6.45 -23.53
CA ALA D 209 12.70 -7.36 -23.95
C ALA D 209 11.32 -6.90 -23.49
N ASN D 210 11.26 -6.24 -22.34
CA ASN D 210 9.99 -5.83 -21.76
C ASN D 210 9.77 -4.33 -21.81
N LYS D 211 10.58 -3.63 -22.58
CA LYS D 211 10.34 -2.20 -22.78
C LYS D 211 9.60 -1.97 -24.08
N THR D 212 8.77 -0.94 -24.10
CA THR D 212 8.09 -0.55 -25.32
C THR D 212 9.10 0.26 -26.12
N ARG D 213 9.44 -0.24 -27.31
CA ARG D 213 10.50 0.39 -28.07
C ARG D 213 10.18 0.45 -29.55
N ILE D 214 10.64 1.52 -30.19
CA ILE D 214 10.51 1.68 -31.63
C ILE D 214 11.90 1.86 -32.22
N LEU D 215 12.28 0.94 -33.11
CA LEU D 215 13.57 0.98 -33.78
C LEU D 215 13.37 1.31 -35.27
N VAL D 216 13.98 2.41 -35.72
CA VAL D 216 14.10 2.69 -37.15
C VAL D 216 15.34 1.95 -37.65
N THR D 217 15.16 1.16 -38.71
CA THR D 217 16.18 0.21 -39.11
C THR D 217 16.10 -0.14 -40.61
N SER D 218 17.21 -0.60 -41.19
CA SER D 218 17.18 -1.11 -42.55
C SER D 218 17.64 -2.56 -42.64
N LYS D 219 17.65 -3.27 -41.51
CA LYS D 219 17.95 -4.69 -41.51
C LYS D 219 16.70 -5.54 -41.36
N MET D 220 16.62 -6.60 -42.16
CA MET D 220 15.45 -7.47 -42.19
C MET D 220 15.33 -8.34 -40.95
N GLU D 221 16.47 -8.72 -40.37
CA GLU D 221 16.48 -9.45 -39.11
C GLU D 221 15.69 -8.73 -38.01
N HIS D 222 15.77 -7.40 -37.98
CA HIS D 222 15.05 -6.62 -36.98
C HIS D 222 13.55 -6.62 -37.27
N LEU D 223 13.20 -6.80 -38.54
CA LEU D 223 11.80 -6.93 -38.92
C LEU D 223 11.27 -8.29 -38.50
N ARG D 224 12.11 -9.31 -38.64
CA ARG D 224 11.69 -10.66 -38.32
C ARG D 224 11.52 -10.84 -36.81
N LYS D 225 12.38 -10.19 -36.04
CA LYS D 225 12.35 -10.27 -34.58
C LYS D 225 11.35 -9.30 -33.95
N ALA D 226 10.79 -8.41 -34.77
CA ALA D 226 9.90 -7.38 -34.26
C ALA D 226 8.51 -7.95 -34.02
N ASP D 227 7.78 -7.33 -33.10
CA ASP D 227 6.41 -7.72 -32.82
C ASP D 227 5.49 -7.09 -33.87
N LYS D 228 5.85 -5.89 -34.32
CA LYS D 228 5.11 -5.21 -35.36
C LYS D 228 6.03 -4.40 -36.29
N ILE D 229 5.55 -4.14 -37.50
CA ILE D 229 6.36 -3.54 -38.55
C ILE D 229 5.62 -2.39 -39.23
N LEU D 230 6.28 -1.25 -39.36
CA LEU D 230 5.83 -0.17 -40.24
C LEU D 230 6.81 -0.06 -41.39
N ILE D 231 6.30 -0.05 -42.62
CA ILE D 231 7.12 0.29 -43.78
C ILE D 231 6.62 1.57 -44.44
N LEU D 232 7.47 2.59 -44.49
CA LEU D 232 7.08 3.90 -44.96
C LEU D 232 7.60 4.15 -46.37
N HIS D 233 6.85 4.91 -47.17
CA HIS D 233 7.31 5.32 -48.49
C HIS D 233 6.64 6.61 -48.95
N GLN D 234 7.44 7.63 -49.21
CA GLN D 234 6.93 8.94 -49.60
C GLN D 234 5.84 9.38 -48.62
N GLY D 235 6.08 9.13 -47.33
CA GLY D 235 5.26 9.74 -46.31
C GLY D 235 4.02 8.96 -45.93
N SER D 236 3.82 7.79 -46.53
CA SER D 236 2.63 6.99 -46.26
C SER D 236 2.97 5.55 -45.93
N SER D 237 2.02 4.83 -45.34
CA SER D 237 2.25 3.45 -44.90
C SER D 237 2.13 2.44 -46.04
N TYR D 238 3.27 1.97 -46.53
CA TYR D 238 3.31 0.88 -47.49
C TYR D 238 2.77 -0.41 -46.85
N PHE D 239 3.04 -0.58 -45.56
CA PHE D 239 2.62 -1.78 -44.84
C PHE D 239 2.65 -1.59 -43.33
N TYR D 240 1.66 -2.15 -42.64
CA TYR D 240 1.69 -2.27 -41.20
C TYR D 240 1.09 -3.60 -40.77
N GLY D 241 1.77 -4.29 -39.87
CA GLY D 241 1.35 -5.62 -39.47
C GLY D 241 2.52 -6.42 -38.92
N THR D 242 2.34 -7.74 -38.80
CA THR D 242 3.41 -8.58 -38.27
C THR D 242 4.32 -8.98 -39.41
N PHE D 243 5.39 -9.70 -39.09
CA PHE D 243 6.32 -10.15 -40.11
C PHE D 243 5.64 -11.15 -41.02
N SER D 244 4.85 -12.04 -40.42
CA SER D 244 4.13 -13.04 -41.19
C SER D 244 3.18 -12.36 -42.18
N GLU D 245 2.43 -11.39 -41.67
CA GLU D 245 1.56 -10.57 -42.51
C GLU D 245 2.31 -9.94 -43.69
N LEU D 246 3.59 -9.67 -43.49
CA LEU D 246 4.40 -9.00 -44.50
C LEU D 246 4.75 -9.93 -45.66
N GLN D 247 5.11 -11.17 -45.32
CA GLN D 247 5.43 -12.15 -46.35
C GLN D 247 4.20 -12.48 -47.19
N SER D 248 3.05 -12.56 -46.53
CA SER D 248 1.80 -12.93 -47.17
C SER D 248 1.19 -11.78 -47.96
N LEU D 249 1.06 -10.63 -47.31
CA LEU D 249 0.32 -9.49 -47.87
C LEU D 249 1.17 -8.58 -48.75
N ARG D 250 2.49 -8.76 -48.72
CA ARG D 250 3.39 -8.00 -49.58
C ARG D 250 4.47 -8.95 -50.10
N PRO D 251 4.05 -9.97 -50.87
CA PRO D 251 4.95 -11.05 -51.31
C PRO D 251 6.05 -10.57 -52.27
N ASP D 252 5.76 -9.50 -53.02
CA ASP D 252 6.71 -8.98 -54.00
C ASP D 252 7.86 -8.28 -53.28
N PHE D 253 7.51 -7.49 -52.27
CA PHE D 253 8.50 -6.86 -51.41
C PHE D 253 9.30 -7.95 -50.72
N SER D 254 8.60 -8.86 -50.04
CA SER D 254 9.26 -9.86 -49.21
C SER D 254 10.18 -10.75 -50.01
N SER D 255 9.70 -11.24 -51.15
CA SER D 255 10.49 -12.13 -51.99
C SER D 255 11.82 -11.51 -52.37
N LYS D 256 11.79 -10.25 -52.77
CA LYS D 256 13.00 -9.57 -53.22
C LYS D 256 14.00 -9.43 -52.09
N LEU D 257 13.52 -8.98 -50.93
CA LEU D 257 14.41 -8.66 -49.82
C LEU D 257 14.86 -9.86 -48.99
N MET D 258 13.97 -10.79 -48.74
CA MET D 258 14.35 -12.03 -48.07
C MET D 258 15.16 -12.87 -49.06
N GLY D 259 15.21 -12.41 -50.30
CA GLY D 259 15.85 -13.18 -51.36
C GLY D 259 17.36 -13.22 -51.27
N TYR D 260 17.95 -12.19 -50.67
CA TYR D 260 19.40 -12.11 -50.54
C TYR D 260 19.92 -13.11 -49.49
N ASP D 261 21.24 -13.31 -49.49
CA ASP D 261 21.86 -14.23 -48.55
C ASP D 261 22.25 -13.52 -47.25
N THR D 262 22.98 -12.42 -47.37
CA THR D 262 23.37 -11.61 -46.21
C THR D 262 23.14 -10.13 -46.48
N PHE D 263 21.87 -9.79 -46.67
CA PHE D 263 21.46 -8.42 -46.93
C PHE D 263 21.84 -7.50 -45.76
N ASP D 264 21.60 -7.98 -44.54
CA ASP D 264 21.81 -7.18 -43.34
C ASP D 264 23.27 -6.77 -43.15
N GLN D 265 24.17 -7.43 -43.89
CA GLN D 265 25.59 -7.09 -43.83
C GLN D 265 26.11 -6.23 -44.99
N PHE D 266 25.21 -5.80 -45.88
CA PHE D 266 25.54 -4.72 -46.84
C PHE D 266 25.69 -3.42 -46.05
N THR D 267 26.35 -2.43 -46.66
CA THR D 267 26.43 -1.11 -46.07
C THR D 267 25.04 -0.55 -45.94
N GLU D 268 24.85 0.39 -45.03
CA GLU D 268 23.54 0.98 -44.82
C GLU D 268 23.07 1.69 -46.09
N GLU D 269 24.01 2.15 -46.90
CA GLU D 269 23.67 2.84 -48.13
C GLU D 269 23.08 1.88 -49.17
N ARG D 270 23.73 0.74 -49.35
CA ARG D 270 23.23 -0.30 -50.25
C ARG D 270 21.88 -0.85 -49.78
N ARG D 271 21.76 -1.09 -48.47
CA ARG D 271 20.51 -1.61 -47.90
C ARG D 271 19.35 -0.66 -48.18
N SER D 272 19.59 0.63 -48.00
CA SER D 272 18.55 1.61 -48.24
C SER D 272 18.25 1.84 -49.72
N SER D 273 19.25 1.69 -50.59
CA SER D 273 19.01 1.80 -52.01
C SER D 273 18.08 0.67 -52.44
N ILE D 274 18.35 -0.52 -51.93
CA ILE D 274 17.57 -1.67 -52.31
C ILE D 274 16.13 -1.55 -51.82
N LEU D 275 15.96 -1.11 -50.57
CA LEU D 275 14.62 -0.92 -50.03
C LEU D 275 13.85 0.13 -50.84
N THR D 276 14.55 1.23 -51.15
CA THR D 276 13.96 2.33 -51.92
C THR D 276 13.55 1.86 -53.32
N GLU D 277 14.47 1.22 -54.01
CA GLU D 277 14.21 0.73 -55.35
C GLU D 277 13.12 -0.32 -55.38
N THR D 278 13.00 -1.08 -54.30
CA THR D 278 11.98 -2.12 -54.23
C THR D 278 10.62 -1.53 -53.90
N LEU D 279 10.60 -0.52 -53.03
CA LEU D 279 9.35 0.15 -52.68
C LEU D 279 8.83 1.00 -53.83
N ARG D 280 9.73 1.35 -54.77
CA ARG D 280 9.35 2.09 -55.96
C ARG D 280 8.67 1.19 -56.98
N ARG D 281 9.22 -0.02 -57.16
CA ARG D 281 8.66 -0.96 -58.11
C ARG D 281 7.22 -1.25 -57.76
N PHE D 282 7.01 -1.84 -56.59
CA PHE D 282 5.69 -2.35 -56.21
C PHE D 282 4.83 -1.32 -55.50
N SER D 283 4.10 -0.54 -56.31
CA SER D 283 3.27 0.60 -55.90
C SER D 283 3.74 1.86 -56.63
#